data_4OWK
#
_entry.id   4OWK
#
_cell.length_a   55.389
_cell.length_b   79.832
_cell.length_c   148.694
_cell.angle_alpha   90.000
_cell.angle_beta   89.480
_cell.angle_gamma   90.000
#
_symmetry.space_group_name_H-M   'P 1 21 1'
#
loop_
_entity.id
_entity.type
_entity.pdbx_description
1 polymer Cytolysin
2 non-polymer 2-acetamido-2-deoxy-beta-D-galactopyranose
3 non-polymer GLYCEROL
4 water water
#
_entity_poly.entity_id   1
_entity_poly.type   'polypeptide(L)'
_entity_poly.pdbx_seq_one_letter_code
;GSAMAHVTLQSLSNNDLCLDVYGENGDKTVAGGSVNGWSCHGSWNQVWGLDKEERYRSRVASDRCLTVNADKTLTVEQCG
ANLAQKWYWEGDKLISRYVDGNNTRYLLNIVGGRNVQVTPENEANQARWKPTLQQVKL
;
_entity_poly.pdbx_strand_id   A,B,C,D,E,F,G
#
# COMPACT_ATOMS: atom_id res chain seq x y z
N MET A 4 -31.03 -0.56 -8.30
CA MET A 4 -31.18 -0.41 -6.86
C MET A 4 -31.37 -1.78 -6.18
N ALA A 5 -30.49 -2.08 -5.23
CA ALA A 5 -30.53 -3.33 -4.49
C ALA A 5 -31.59 -3.28 -3.41
N HIS A 6 -32.46 -4.28 -3.41
CA HIS A 6 -33.53 -4.36 -2.44
C HIS A 6 -33.12 -5.22 -1.25
N VAL A 7 -33.41 -4.70 -0.07
CA VAL A 7 -33.00 -5.31 1.17
C VAL A 7 -34.11 -5.38 2.19
N THR A 8 -33.98 -6.33 3.09
CA THR A 8 -34.66 -6.26 4.36
C THR A 8 -33.68 -5.62 5.34
N LEU A 9 -34.23 -4.92 6.32
CA LEU A 9 -33.43 -4.26 7.35
C LEU A 9 -33.66 -4.99 8.65
N GLN A 10 -32.79 -5.93 8.95
CA GLN A 10 -32.97 -6.78 10.11
C GLN A 10 -32.13 -6.28 11.29
N SER A 11 -32.72 -6.28 12.47
CA SER A 11 -31.98 -5.94 13.69
C SER A 11 -30.93 -6.98 14.06
N LEU A 12 -29.81 -6.51 14.58
CA LEU A 12 -28.83 -7.41 15.19
C LEU A 12 -28.81 -7.23 16.72
N SER A 13 -29.78 -6.46 17.23
CA SER A 13 -29.95 -6.20 18.66
C SER A 13 -31.15 -6.97 19.25
N ASN A 14 -31.82 -7.75 18.40
CA ASN A 14 -33.05 -8.48 18.75
C ASN A 14 -33.06 -9.74 17.88
N ASN A 15 -33.39 -10.89 18.46
CA ASN A 15 -33.22 -12.14 17.75
C ASN A 15 -34.13 -12.30 16.53
N ASP A 16 -35.19 -11.49 16.42
CA ASP A 16 -36.04 -11.54 15.21
C ASP A 16 -36.90 -10.30 15.05
N LEU A 17 -36.31 -9.27 14.45
CA LEU A 17 -37.04 -8.05 14.19
C LEU A 17 -36.53 -7.43 12.90
N CYS A 18 -37.46 -7.05 12.05
CA CYS A 18 -37.19 -6.37 10.78
C CYS A 18 -37.95 -5.07 10.72
N LEU A 19 -37.43 -4.07 10.03
CA LEU A 19 -38.19 -2.84 9.85
C LEU A 19 -39.36 -3.09 8.90
N ASP A 20 -40.52 -2.66 9.34
CA ASP A 20 -41.78 -3.12 8.78
C ASP A 20 -42.77 -1.97 8.66
N VAL A 21 -43.31 -1.76 7.47
CA VAL A 21 -44.44 -0.86 7.26
C VAL A 21 -45.74 -1.50 7.79
N TYR A 22 -46.23 -0.97 8.92
CA TYR A 22 -47.54 -1.35 9.46
C TYR A 22 -48.67 -0.83 8.58
N GLY A 23 -48.52 0.39 8.06
CA GLY A 23 -49.60 1.03 7.33
C GLY A 23 -50.57 1.71 8.29
N GLU A 24 -51.84 1.72 7.91
CA GLU A 24 -52.91 2.33 8.70
C GLU A 24 -54.20 1.59 8.40
N ASN A 25 -54.73 0.91 9.40
CA ASN A 25 -55.99 0.16 9.29
C ASN A 25 -55.98 -0.91 8.21
N GLY A 26 -54.83 -1.58 8.04
CA GLY A 26 -54.71 -2.68 7.10
C GLY A 26 -54.13 -2.32 5.73
N ASP A 27 -54.20 -1.05 5.36
CA ASP A 27 -53.63 -0.59 4.09
C ASP A 27 -52.16 -0.22 4.24
N LYS A 28 -51.29 -1.05 3.69
CA LYS A 28 -49.85 -0.85 3.76
C LYS A 28 -49.35 0.23 2.79
N THR A 29 -50.20 0.64 1.84
CA THR A 29 -49.78 1.52 0.75
C THR A 29 -49.93 3.02 1.07
N VAL A 30 -50.63 3.34 2.15
CA VAL A 30 -51.08 4.70 2.41
C VAL A 30 -49.94 5.65 2.85
N ALA A 31 -49.96 6.90 2.38
CA ALA A 31 -48.95 7.88 2.82
C ALA A 31 -49.17 8.20 4.30
N GLY A 32 -48.11 8.39 5.08
CA GLY A 32 -48.28 8.60 6.50
C GLY A 32 -48.37 7.30 7.30
N GLY A 33 -48.32 6.16 6.62
CA GLY A 33 -48.44 4.89 7.31
C GLY A 33 -47.28 4.64 8.26
N SER A 34 -47.60 4.05 9.41
CA SER A 34 -46.62 3.84 10.46
C SER A 34 -45.57 2.78 10.09
N VAL A 35 -44.36 2.98 10.58
CA VAL A 35 -43.26 2.04 10.43
C VAL A 35 -42.77 1.63 11.82
N ASN A 36 -42.63 0.33 12.02
CA ASN A 36 -42.16 -0.22 13.28
C ASN A 36 -41.53 -1.59 13.03
N GLY A 37 -41.33 -2.38 14.08
CA GLY A 37 -40.74 -3.69 13.96
C GLY A 37 -41.72 -4.85 13.85
N TRP A 38 -41.25 -5.96 13.30
CA TRP A 38 -42.02 -7.18 13.20
C TRP A 38 -41.08 -8.35 12.97
N SER A 39 -41.53 -9.56 13.25
CA SER A 39 -40.75 -10.73 12.87
C SER A 39 -40.50 -10.71 11.36
N CYS A 40 -39.35 -11.23 10.95
CA CYS A 40 -38.94 -11.13 9.57
C CYS A 40 -39.68 -12.15 8.70
N HIS A 41 -40.33 -11.69 7.64
CA HIS A 41 -40.92 -12.62 6.66
C HIS A 41 -40.58 -12.22 5.21
N GLY A 42 -40.00 -11.03 5.02
CA GLY A 42 -39.54 -10.59 3.70
C GLY A 42 -40.61 -10.23 2.66
N SER A 43 -41.85 -10.09 3.07
CA SER A 43 -42.90 -9.61 2.16
C SER A 43 -42.58 -8.18 1.77
N TRP A 44 -43.39 -7.62 0.87
CA TRP A 44 -43.09 -6.33 0.27
C TRP A 44 -43.02 -5.19 1.30
N ASN A 45 -43.80 -5.29 2.37
CA ASN A 45 -43.79 -4.22 3.37
C ASN A 45 -42.59 -4.30 4.31
N GLN A 46 -41.71 -5.25 4.08
CA GLN A 46 -40.42 -5.31 4.76
C GLN A 46 -39.23 -5.17 3.84
N VAL A 47 -39.49 -4.90 2.56
CA VAL A 47 -38.42 -4.73 1.58
C VAL A 47 -38.19 -3.25 1.32
N TRP A 48 -36.91 -2.88 1.27
CA TRP A 48 -36.48 -1.49 1.14
C TRP A 48 -35.37 -1.35 0.09
N GLY A 49 -35.25 -0.15 -0.48
CA GLY A 49 -34.16 0.16 -1.40
C GLY A 49 -33.61 1.56 -1.15
N LEU A 50 -32.29 1.66 -1.09
CA LEU A 50 -31.64 2.95 -0.84
C LEU A 50 -31.43 3.64 -2.17
N ASP A 51 -32.08 4.79 -2.40
CA ASP A 51 -31.97 5.43 -3.72
C ASP A 51 -30.82 6.43 -3.73
N LYS A 52 -30.62 7.08 -4.88
CA LYS A 52 -29.49 7.97 -5.12
C LYS A 52 -29.50 9.22 -4.22
N GLU A 53 -30.66 9.53 -3.64
CA GLU A 53 -30.82 10.68 -2.76
C GLU A 53 -30.71 10.25 -1.30
N GLU A 54 -30.31 8.99 -1.09
CA GLU A 54 -30.13 8.41 0.24
C GLU A 54 -31.45 8.23 0.99
N ARG A 55 -32.53 8.08 0.24
CA ARG A 55 -33.82 7.77 0.84
C ARG A 55 -34.01 6.27 0.84
N TYR A 56 -34.63 5.72 1.90
CA TYR A 56 -35.05 4.31 1.89
C TYR A 56 -36.49 4.18 1.41
N ARG A 57 -36.64 3.75 0.16
CA ARG A 57 -37.94 3.57 -0.46
C ARG A 57 -38.51 2.20 -0.12
N SER A 58 -39.76 2.17 0.30
CA SER A 58 -40.44 0.91 0.58
C SER A 58 -41.00 0.31 -0.69
N ARG A 59 -41.07 -1.02 -0.73
CA ARG A 59 -41.75 -1.71 -1.83
C ARG A 59 -43.26 -1.88 -1.64
N VAL A 60 -43.86 -1.27 -0.61
CA VAL A 60 -45.31 -1.41 -0.44
C VAL A 60 -46.03 -0.80 -1.64
N ALA A 61 -45.43 0.24 -2.19
CA ALA A 61 -46.01 1.04 -3.26
C ALA A 61 -45.01 2.09 -3.68
N SER A 62 -45.25 2.68 -4.84
CA SER A 62 -44.42 3.76 -5.32
C SER A 62 -44.46 4.97 -4.40
N ASP A 63 -43.35 5.70 -4.36
CA ASP A 63 -43.28 6.99 -3.69
C ASP A 63 -43.59 6.89 -2.20
N ARG A 64 -42.91 5.98 -1.54
CA ARG A 64 -43.01 5.78 -0.10
C ARG A 64 -41.63 5.65 0.52
N CYS A 65 -41.18 6.73 1.18
CA CYS A 65 -39.84 6.84 1.78
C CYS A 65 -39.88 6.83 3.30
N LEU A 66 -38.92 6.13 3.90
CA LEU A 66 -38.73 6.09 5.33
C LEU A 66 -38.42 7.47 5.90
N THR A 67 -39.29 7.94 6.78
CA THR A 67 -39.28 9.35 7.21
C THR A 67 -39.28 9.51 8.71
N VAL A 68 -38.31 10.25 9.24
CA VAL A 68 -38.32 10.66 10.65
C VAL A 68 -39.37 11.75 10.89
N ASN A 69 -40.31 11.52 11.82
CA ASN A 69 -41.30 12.53 12.18
C ASN A 69 -40.76 13.39 13.34
N ALA A 70 -41.40 14.52 13.62
CA ALA A 70 -40.93 15.45 14.65
C ALA A 70 -40.82 14.81 16.04
N ASP A 71 -41.66 13.81 16.32
CA ASP A 71 -41.65 13.11 17.61
C ASP A 71 -40.72 11.89 17.58
N LYS A 72 -39.95 11.77 16.49
CA LYS A 72 -38.92 10.76 16.33
C LYS A 72 -39.49 9.38 16.02
N THR A 73 -40.80 9.29 15.80
CA THR A 73 -41.36 8.06 15.25
C THR A 73 -41.11 8.00 13.74
N LEU A 74 -41.48 6.88 13.14
CA LEU A 74 -41.21 6.67 11.72
C LEU A 74 -42.49 6.38 10.94
N THR A 75 -42.56 6.95 9.75
CA THR A 75 -43.67 6.68 8.81
C THR A 75 -43.08 6.52 7.40
N VAL A 76 -43.92 6.11 6.44
CA VAL A 76 -43.56 6.23 5.03
C VAL A 76 -44.34 7.41 4.45
N GLU A 77 -43.62 8.23 3.68
CA GLU A 77 -44.16 9.47 3.13
C GLU A 77 -43.71 9.61 1.67
N GLN A 78 -44.39 10.50 0.95
CA GLN A 78 -43.96 10.84 -0.39
C GLN A 78 -42.52 11.34 -0.33
N CYS A 79 -41.75 11.00 -1.36
CA CYS A 79 -40.32 11.26 -1.35
C CYS A 79 -40.06 12.71 -1.68
N GLY A 80 -39.27 13.38 -0.84
CA GLY A 80 -38.87 14.76 -1.08
C GLY A 80 -37.39 14.96 -0.78
N ALA A 81 -37.02 16.21 -0.46
CA ALA A 81 -35.62 16.60 -0.27
C ALA A 81 -35.21 16.73 1.19
N ASN A 82 -36.18 16.64 2.10
CA ASN A 82 -35.89 16.88 3.51
C ASN A 82 -34.84 15.89 4.06
N LEU A 83 -33.95 16.36 4.93
CA LEU A 83 -32.96 15.49 5.53
C LEU A 83 -33.61 14.39 6.40
N ALA A 84 -34.85 14.60 6.80
CA ALA A 84 -35.60 13.61 7.60
C ALA A 84 -35.88 12.35 6.81
N GLN A 85 -35.64 12.40 5.52
CA GLN A 85 -35.76 11.19 4.69
C GLN A 85 -34.41 10.62 4.25
N LYS A 86 -33.32 11.20 4.74
CA LYS A 86 -32.01 10.73 4.30
C LYS A 86 -31.30 9.88 5.37
N TRP A 87 -30.67 8.81 4.91
CA TRP A 87 -30.08 7.80 5.76
C TRP A 87 -28.70 7.39 5.27
N TYR A 88 -27.80 7.09 6.21
CA TYR A 88 -26.51 6.53 5.84
C TYR A 88 -26.00 5.53 6.89
N TRP A 89 -25.14 4.62 6.42
CA TRP A 89 -24.58 3.57 7.25
C TRP A 89 -23.23 3.95 7.80
N GLU A 90 -22.93 3.40 8.96
CA GLU A 90 -21.64 3.52 9.61
C GLU A 90 -21.49 2.24 10.43
N GLY A 91 -20.80 1.26 9.86
CA GLY A 91 -20.82 -0.08 10.43
C GLY A 91 -22.25 -0.60 10.38
N ASP A 92 -22.73 -1.09 11.51
CA ASP A 92 -24.07 -1.64 11.58
C ASP A 92 -25.07 -0.60 12.13
N LYS A 93 -24.63 0.65 12.21
CA LYS A 93 -25.50 1.75 12.64
C LYS A 93 -26.13 2.39 11.40
N LEU A 94 -27.43 2.65 11.48
CA LEU A 94 -28.15 3.31 10.40
C LEU A 94 -28.61 4.67 10.89
N ILE A 95 -28.01 5.70 10.34
CA ILE A 95 -28.06 7.04 10.90
C ILE A 95 -28.87 7.97 10.02
N SER A 96 -29.71 8.79 10.65
CA SER A 96 -30.53 9.79 9.97
C SER A 96 -29.73 11.08 9.74
N ARG A 97 -29.99 11.79 8.63
CA ARG A 97 -29.32 13.08 8.44
C ARG A 97 -30.11 14.20 9.11
N TYR A 98 -31.22 13.86 9.76
CA TYR A 98 -32.07 14.86 10.46
C TYR A 98 -31.25 15.68 11.44
N VAL A 99 -31.44 17.00 11.43
CA VAL A 99 -30.70 17.87 12.36
C VAL A 99 -31.66 18.64 13.27
N ASP A 100 -31.14 19.06 14.43
CA ASP A 100 -31.87 19.93 15.33
C ASP A 100 -30.89 20.58 16.29
N GLY A 101 -31.39 21.27 17.32
CA GLY A 101 -30.53 21.99 18.24
C GLY A 101 -29.90 21.17 19.36
N ASN A 102 -29.99 19.84 19.25
CA ASN A 102 -29.56 18.96 20.35
C ASN A 102 -28.14 18.43 20.20
N ASN A 103 -27.40 18.98 19.23
CA ASN A 103 -26.03 18.58 18.97
C ASN A 103 -25.86 17.07 18.98
N THR A 104 -26.70 16.36 18.21
CA THR A 104 -26.66 14.89 18.20
C THR A 104 -27.05 14.25 16.87
N ARG A 105 -26.47 13.09 16.59
CA ARG A 105 -26.94 12.23 15.52
C ARG A 105 -28.02 11.29 16.07
N TYR A 106 -28.96 10.95 15.21
CA TYR A 106 -30.08 10.11 15.60
C TYR A 106 -29.97 8.80 14.85
N LEU A 107 -29.99 7.70 15.59
CA LEU A 107 -29.79 6.36 15.05
C LEU A 107 -31.09 5.57 15.05
N LEU A 108 -31.28 4.73 14.03
CA LEU A 108 -32.42 3.84 14.01
C LEU A 108 -32.27 2.89 15.18
N ASN A 109 -33.29 2.82 16.02
CA ASN A 109 -33.18 2.17 17.33
C ASN A 109 -34.46 1.49 17.82
N ILE A 110 -34.30 0.32 18.42
CA ILE A 110 -35.43 -0.30 19.08
C ILE A 110 -35.64 0.33 20.47
N VAL A 111 -36.81 0.91 20.73
CA VAL A 111 -37.03 1.63 21.98
C VAL A 111 -37.91 0.87 22.97
N GLY A 112 -38.32 -0.34 22.58
CA GLY A 112 -39.09 -1.21 23.44
C GLY A 112 -40.03 -2.08 22.62
N GLY A 113 -40.06 -3.37 22.93
CA GLY A 113 -40.96 -4.31 22.26
C GLY A 113 -40.65 -4.32 20.78
N ARG A 114 -41.65 -4.04 19.95
CA ARG A 114 -41.49 -3.91 18.51
C ARG A 114 -41.47 -2.47 18.05
N ASN A 115 -41.38 -1.53 18.99
CA ASN A 115 -41.29 -0.10 18.65
C ASN A 115 -39.91 0.30 18.18
N VAL A 116 -39.86 0.89 17.00
CA VAL A 116 -38.62 1.37 16.43
C VAL A 116 -38.77 2.88 16.19
N GLN A 117 -37.79 3.63 16.65
CA GLN A 117 -37.77 5.07 16.46
C GLN A 117 -36.34 5.45 16.15
N VAL A 118 -36.04 6.75 16.03
CA VAL A 118 -34.65 7.15 16.03
C VAL A 118 -34.34 7.79 17.39
N THR A 119 -33.10 7.62 17.87
CA THR A 119 -32.70 7.89 19.25
C THR A 119 -31.37 8.63 19.24
N PRO A 120 -31.15 9.56 20.18
CA PRO A 120 -29.80 10.15 20.22
C PRO A 120 -28.71 9.08 20.33
N GLU A 121 -27.65 9.27 19.55
CA GLU A 121 -26.56 8.30 19.40
C GLU A 121 -26.03 7.74 20.72
N ASN A 122 -25.89 8.60 21.75
CA ASN A 122 -25.27 8.20 23.02
C ASN A 122 -26.24 7.44 23.94
N GLU A 123 -27.43 7.16 23.43
CA GLU A 123 -28.49 6.54 24.22
C GLU A 123 -29.16 5.43 23.41
N ALA A 124 -28.67 5.20 22.20
CA ALA A 124 -29.24 4.20 21.31
C ALA A 124 -28.61 2.83 21.57
N ASN A 125 -29.25 2.04 22.44
CA ASN A 125 -28.69 0.79 22.95
C ASN A 125 -29.06 -0.46 22.13
N GLN A 126 -30.08 -0.35 21.29
CA GLN A 126 -30.48 -1.48 20.45
C GLN A 126 -30.54 -1.05 18.99
N ALA A 127 -29.39 -0.60 18.50
CA ALA A 127 -29.34 0.17 17.26
C ALA A 127 -28.45 -0.47 16.19
N ARG A 128 -28.23 -1.78 16.30
CA ARG A 128 -27.48 -2.53 15.28
C ARG A 128 -28.42 -3.11 14.23
N TRP A 129 -28.08 -2.92 12.96
CA TRP A 129 -28.91 -3.40 11.85
C TRP A 129 -28.02 -3.99 10.77
N LYS A 130 -28.58 -4.88 9.94
CA LYS A 130 -27.87 -5.48 8.83
C LYS A 130 -28.77 -5.41 7.62
N PRO A 131 -28.35 -4.70 6.58
CA PRO A 131 -29.16 -4.79 5.38
C PRO A 131 -28.95 -6.15 4.71
N THR A 132 -30.03 -6.85 4.42
CA THR A 132 -29.96 -8.20 3.89
C THR A 132 -30.53 -8.26 2.47
N LEU A 133 -29.68 -8.60 1.50
CA LEU A 133 -30.11 -8.63 0.11
C LEU A 133 -31.23 -9.66 -0.09
N GLN A 134 -32.19 -9.30 -0.93
CA GLN A 134 -33.25 -10.22 -1.31
C GLN A 134 -32.92 -10.94 -2.62
N MET B 4 -21.31 -21.65 -2.32
CA MET B 4 -21.32 -22.30 -1.00
C MET B 4 -20.27 -23.41 -0.88
N ALA B 5 -19.48 -23.34 0.19
CA ALA B 5 -18.49 -24.38 0.45
C ALA B 5 -19.04 -25.37 1.45
N HIS B 6 -18.93 -26.65 1.13
CA HIS B 6 -19.35 -27.73 2.01
C HIS B 6 -18.15 -28.22 2.79
N VAL B 7 -18.28 -28.11 4.11
CA VAL B 7 -17.17 -28.38 4.98
C VAL B 7 -17.55 -29.23 6.19
N THR B 8 -16.54 -29.75 6.84
CA THR B 8 -16.67 -30.26 8.20
C THR B 8 -16.19 -29.13 9.09
N LEU B 9 -16.68 -29.12 10.33
CA LEU B 9 -16.27 -28.14 11.33
C LEU B 9 -15.50 -28.91 12.40
N GLN B 10 -14.18 -28.86 12.29
CA GLN B 10 -13.27 -29.61 13.17
C GLN B 10 -12.63 -28.67 14.17
N SER B 11 -12.53 -29.14 15.41
CA SER B 11 -11.93 -28.36 16.46
C SER B 11 -10.42 -28.27 16.26
N LEU B 12 -9.85 -27.13 16.58
CA LEU B 12 -8.39 -27.00 16.71
C LEU B 12 -8.00 -27.01 18.17
N SER B 13 -9.01 -27.18 19.05
CA SER B 13 -8.77 -27.24 20.50
C SER B 13 -8.79 -28.67 21.05
N ASN B 14 -9.17 -29.63 20.20
CA ASN B 14 -9.28 -31.02 20.59
C ASN B 14 -8.66 -31.87 19.47
N ASN B 15 -7.85 -32.86 19.79
CA ASN B 15 -7.13 -33.58 18.74
C ASN B 15 -8.04 -34.30 17.73
N ASP B 16 -9.29 -34.57 18.08
CA ASP B 16 -10.18 -35.22 17.12
C ASP B 16 -11.64 -35.06 17.51
N LEU B 17 -12.24 -33.95 17.07
CA LEU B 17 -13.64 -33.66 17.35
C LEU B 17 -14.19 -32.82 16.20
N CYS B 18 -15.33 -33.24 15.67
CA CYS B 18 -16.08 -32.52 14.65
C CYS B 18 -17.50 -32.23 15.12
N LEU B 19 -18.07 -31.14 14.65
CA LEU B 19 -19.48 -30.85 14.89
C LEU B 19 -20.35 -31.89 14.18
N ASP B 20 -21.21 -32.54 14.95
CA ASP B 20 -21.87 -33.75 14.51
C ASP B 20 -23.37 -33.72 14.85
N VAL B 21 -24.21 -34.02 13.87
CA VAL B 21 -25.65 -34.22 14.14
C VAL B 21 -25.91 -35.62 14.73
N TYR B 22 -26.20 -35.65 16.04
CA TYR B 22 -26.60 -36.88 16.72
C TYR B 22 -28.00 -37.33 16.31
N GLY B 23 -28.91 -36.37 16.21
CA GLY B 23 -30.31 -36.65 15.93
C GLY B 23 -31.13 -36.91 17.19
N GLU B 24 -32.24 -37.63 17.04
CA GLU B 24 -33.05 -38.05 18.18
C GLU B 24 -33.42 -39.51 17.99
N ASN B 25 -33.17 -40.32 19.01
CA ASN B 25 -33.52 -41.74 19.01
C ASN B 25 -33.03 -42.48 17.76
N GLY B 26 -31.83 -42.15 17.31
CA GLY B 26 -31.23 -42.79 16.15
C GLY B 26 -31.51 -42.09 14.82
N ASP B 27 -32.53 -41.24 14.82
CA ASP B 27 -32.94 -40.55 13.59
C ASP B 27 -32.24 -39.20 13.44
N LYS B 28 -31.37 -39.08 12.44
CA LYS B 28 -30.57 -37.87 12.30
C LYS B 28 -31.22 -36.81 11.40
N THR B 29 -32.35 -37.12 10.77
CA THR B 29 -32.99 -36.16 9.85
C THR B 29 -34.04 -35.29 10.56
N VAL B 30 -34.46 -35.69 11.75
CA VAL B 30 -35.55 -35.04 12.45
C VAL B 30 -35.22 -33.58 12.82
N ALA B 31 -36.18 -32.68 12.63
CA ALA B 31 -36.05 -31.32 13.15
C ALA B 31 -35.97 -31.42 14.68
N GLY B 32 -35.19 -30.56 15.32
CA GLY B 32 -35.00 -30.64 16.76
C GLY B 32 -33.93 -31.64 17.15
N GLY B 33 -33.31 -32.27 16.16
CA GLY B 33 -32.27 -33.25 16.44
C GLY B 33 -31.04 -32.61 17.06
N SER B 34 -30.45 -33.31 18.02
CA SER B 34 -29.31 -32.83 18.79
C SER B 34 -28.04 -32.73 17.96
N VAL B 35 -27.28 -31.65 18.15
CA VAL B 35 -25.94 -31.49 17.60
C VAL B 35 -24.89 -31.46 18.70
N ASN B 36 -23.77 -32.13 18.48
CA ASN B 36 -22.73 -32.17 19.48
C ASN B 36 -21.43 -32.63 18.85
N GLY B 37 -20.50 -33.15 19.66
CA GLY B 37 -19.18 -33.49 19.17
C GLY B 37 -19.02 -34.96 18.90
N TRP B 38 -18.24 -35.33 17.90
CA TRP B 38 -17.86 -36.72 17.68
C TRP B 38 -16.50 -36.76 16.97
N SER B 39 -15.83 -37.91 16.99
CA SER B 39 -14.61 -38.03 16.20
C SER B 39 -14.94 -37.86 14.71
N CYS B 40 -14.00 -37.34 13.95
CA CYS B 40 -14.27 -36.95 12.56
C CYS B 40 -14.30 -38.16 11.64
N HIS B 41 -15.34 -38.21 10.80
CA HIS B 41 -15.39 -39.22 9.73
C HIS B 41 -15.90 -38.62 8.42
N GLY B 42 -16.43 -37.40 8.43
CA GLY B 42 -16.78 -36.70 7.20
C GLY B 42 -18.03 -37.23 6.50
N SER B 43 -18.75 -38.10 7.19
CA SER B 43 -20.00 -38.62 6.68
C SER B 43 -21.09 -37.54 6.70
N TRP B 44 -22.24 -37.86 6.10
CA TRP B 44 -23.28 -36.88 5.84
C TRP B 44 -23.66 -36.04 7.06
N ASN B 45 -23.69 -36.60 8.27
CA ASN B 45 -24.10 -35.84 9.46
C ASN B 45 -23.01 -34.99 10.07
N GLN B 46 -21.87 -34.88 9.39
CA GLN B 46 -20.78 -34.00 9.82
C GLN B 46 -20.46 -32.93 8.80
N VAL B 47 -21.29 -32.83 7.76
CA VAL B 47 -21.03 -31.90 6.66
C VAL B 47 -22.02 -30.74 6.75
N TRP B 48 -21.46 -29.54 6.61
CA TRP B 48 -22.16 -28.27 6.78
C TRP B 48 -21.84 -27.30 5.63
N GLY B 49 -22.72 -26.32 5.43
CA GLY B 49 -22.53 -25.30 4.42
C GLY B 49 -23.11 -23.98 4.87
N LEU B 50 -22.33 -22.91 4.76
CA LEU B 50 -22.74 -21.60 5.24
C LEU B 50 -23.46 -20.87 4.14
N ASP B 51 -24.75 -20.58 4.33
CA ASP B 51 -25.56 -19.98 3.26
C ASP B 51 -25.53 -18.44 3.29
N LYS B 52 -26.23 -17.83 2.35
CA LYS B 52 -26.19 -16.37 2.16
C LYS B 52 -26.78 -15.62 3.36
N GLU B 53 -27.55 -16.33 4.20
CA GLU B 53 -28.20 -15.73 5.36
C GLU B 53 -27.42 -16.01 6.64
N GLU B 54 -26.19 -16.54 6.47
CA GLU B 54 -25.24 -16.81 7.56
C GLU B 54 -25.66 -18.00 8.41
N ARG B 55 -26.47 -18.86 7.82
CA ARG B 55 -26.85 -20.08 8.50
C ARG B 55 -25.95 -21.23 8.08
N TYR B 56 -25.63 -22.10 9.04
CA TYR B 56 -24.93 -23.35 8.73
C TYR B 56 -25.93 -24.49 8.49
N ARG B 57 -26.12 -24.83 7.22
CA ARG B 57 -27.04 -25.88 6.80
C ARG B 57 -26.38 -27.24 6.92
N SER B 58 -27.14 -28.23 7.40
CA SER B 58 -26.63 -29.57 7.56
C SER B 58 -26.99 -30.39 6.33
N ARG B 59 -26.09 -31.27 5.96
CA ARG B 59 -26.30 -32.22 4.87
C ARG B 59 -27.27 -33.35 5.26
N VAL B 60 -27.67 -33.45 6.54
CA VAL B 60 -28.52 -34.59 6.94
C VAL B 60 -29.87 -34.61 6.22
N ALA B 61 -30.42 -33.43 5.91
CA ALA B 61 -31.67 -33.37 5.14
C ALA B 61 -31.91 -31.93 4.74
N SER B 62 -32.81 -31.69 3.80
CA SER B 62 -33.07 -30.31 3.39
C SER B 62 -33.70 -29.53 4.55
N ASP B 63 -33.43 -28.23 4.60
CA ASP B 63 -34.07 -27.34 5.57
C ASP B 63 -33.71 -27.68 7.02
N ARG B 64 -32.42 -27.85 7.27
CA ARG B 64 -31.90 -28.11 8.62
C ARG B 64 -30.70 -27.17 8.88
N CYS B 65 -30.88 -26.26 9.85
CA CYS B 65 -29.91 -25.19 10.16
C CYS B 65 -29.39 -25.38 11.58
N LEU B 66 -28.09 -25.19 11.78
CA LEU B 66 -27.48 -25.15 13.11
C LEU B 66 -28.07 -24.05 13.96
N THR B 67 -28.66 -24.41 15.10
CA THR B 67 -29.46 -23.48 15.90
C THR B 67 -29.07 -23.48 17.39
N VAL B 68 -28.80 -22.29 17.90
CA VAL B 68 -28.56 -22.12 19.33
C VAL B 68 -29.91 -22.16 20.04
N ASN B 69 -30.03 -22.97 21.10
CA ASN B 69 -31.25 -22.99 21.93
C ASN B 69 -31.13 -22.12 23.19
N ALA B 70 -32.26 -21.90 23.86
CA ALA B 70 -32.32 -21.11 25.09
C ALA B 70 -31.23 -21.48 26.10
N ASP B 71 -31.14 -22.78 26.39
CA ASP B 71 -30.14 -23.30 27.32
C ASP B 71 -28.73 -23.47 26.72
N LYS B 72 -28.48 -22.86 25.56
CA LYS B 72 -27.14 -22.84 24.95
C LYS B 72 -26.69 -24.15 24.25
N THR B 73 -27.54 -25.17 24.23
CA THR B 73 -27.26 -26.38 23.46
C THR B 73 -27.60 -26.14 21.98
N LEU B 74 -27.15 -27.04 21.13
CA LEU B 74 -27.29 -26.90 19.68
C LEU B 74 -28.20 -27.98 19.09
N THR B 75 -29.06 -27.59 18.16
CA THR B 75 -29.91 -28.54 17.44
C THR B 75 -29.89 -28.18 15.96
N VAL B 76 -30.49 -29.02 15.11
CA VAL B 76 -30.79 -28.62 13.74
C VAL B 76 -32.28 -28.38 13.65
N GLU B 77 -32.67 -27.23 13.10
CA GLU B 77 -34.09 -26.85 12.96
C GLU B 77 -34.41 -26.39 11.53
N GLN B 78 -35.70 -26.26 11.24
CA GLN B 78 -36.10 -25.58 10.01
C GLN B 78 -35.43 -24.21 9.94
N CYS B 79 -35.14 -23.79 8.72
CA CYS B 79 -34.36 -22.59 8.49
C CYS B 79 -35.29 -21.41 8.50
N GLY B 80 -34.98 -20.40 9.31
CA GLY B 80 -35.71 -19.15 9.33
C GLY B 80 -34.78 -17.94 9.51
N ALA B 81 -35.35 -16.83 9.96
CA ALA B 81 -34.61 -15.56 10.01
C ALA B 81 -33.92 -15.30 11.36
N ASN B 82 -34.21 -16.12 12.36
CA ASN B 82 -33.74 -15.83 13.73
C ASN B 82 -32.21 -15.75 13.85
N LEU B 83 -31.76 -14.83 14.72
CA LEU B 83 -30.33 -14.67 14.95
C LEU B 83 -29.72 -15.93 15.55
N ALA B 84 -30.55 -16.75 16.21
CA ALA B 84 -30.03 -17.98 16.82
C ALA B 84 -29.49 -18.93 15.76
N GLN B 85 -29.78 -18.67 14.50
CA GLN B 85 -29.29 -19.53 13.41
C GLN B 85 -28.17 -18.88 12.58
N LYS B 86 -27.72 -17.70 12.99
CA LYS B 86 -26.73 -16.96 12.23
C LYS B 86 -25.38 -17.04 12.93
N TRP B 87 -24.35 -17.27 12.10
CA TRP B 87 -22.98 -17.53 12.52
C TRP B 87 -21.98 -16.70 11.71
N TYR B 88 -20.95 -16.20 12.38
CA TYR B 88 -19.82 -15.61 11.66
C TYR B 88 -18.46 -15.92 12.29
N TRP B 89 -17.43 -15.85 11.46
CA TRP B 89 -16.05 -16.18 11.83
C TRP B 89 -15.25 -14.94 12.19
N GLU B 90 -14.44 -15.04 13.24
CA GLU B 90 -13.34 -14.12 13.52
C GLU B 90 -12.10 -14.99 13.72
N GLY B 91 -11.21 -15.03 12.73
CA GLY B 91 -10.08 -15.93 12.78
C GLY B 91 -10.60 -17.36 12.91
N ASP B 92 -10.18 -18.07 13.95
CA ASP B 92 -10.63 -19.46 14.12
C ASP B 92 -11.81 -19.59 15.11
N LYS B 93 -12.40 -18.46 15.51
CA LYS B 93 -13.55 -18.44 16.41
C LYS B 93 -14.85 -18.38 15.60
N LEU B 94 -15.84 -19.18 15.99
CA LEU B 94 -17.12 -19.26 15.28
C LEU B 94 -18.20 -18.76 16.21
N ILE B 95 -18.80 -17.64 15.85
CA ILE B 95 -19.59 -16.85 16.78
C ILE B 95 -21.05 -16.76 16.36
N SER B 96 -21.95 -16.94 17.33
CA SER B 96 -23.37 -16.78 17.11
C SER B 96 -23.78 -15.31 17.14
N ARG B 97 -24.85 -14.99 16.43
CA ARG B 97 -25.44 -13.67 16.45
C ARG B 97 -26.54 -13.61 17.50
N TYR B 98 -26.74 -14.71 18.22
CA TYR B 98 -27.74 -14.75 19.29
C TYR B 98 -27.51 -13.64 20.32
N VAL B 99 -28.59 -12.95 20.69
CA VAL B 99 -28.52 -11.94 21.75
C VAL B 99 -29.40 -12.32 22.92
N ASP B 100 -28.97 -11.89 24.10
CA ASP B 100 -29.80 -11.94 25.32
C ASP B 100 -29.35 -10.87 26.30
N GLY B 101 -29.88 -10.89 27.52
CA GLY B 101 -29.62 -9.82 28.47
C GLY B 101 -28.26 -9.90 29.16
N ASN B 102 -27.38 -10.78 28.71
CA ASN B 102 -26.18 -11.11 29.50
C ASN B 102 -24.90 -10.36 29.15
N ASN B 103 -24.97 -9.41 28.22
CA ASN B 103 -23.82 -8.58 27.86
C ASN B 103 -22.64 -9.40 27.33
N THR B 104 -22.90 -10.32 26.40
CA THR B 104 -21.86 -11.17 25.86
C THR B 104 -22.15 -11.74 24.48
N ARG B 105 -21.09 -12.03 23.74
CA ARG B 105 -21.19 -12.87 22.56
C ARG B 105 -21.03 -14.32 22.96
N TYR B 106 -21.69 -15.21 22.23
CA TYR B 106 -21.59 -16.65 22.46
C TYR B 106 -20.76 -17.31 21.34
N LEU B 107 -19.81 -18.15 21.76
CA LEU B 107 -18.91 -18.83 20.83
C LEU B 107 -19.14 -20.33 20.85
N LEU B 108 -19.14 -20.94 19.68
CA LEU B 108 -19.08 -22.40 19.56
C LEU B 108 -17.88 -22.89 20.36
N ASN B 109 -18.12 -23.81 21.29
CA ASN B 109 -17.12 -24.15 22.29
C ASN B 109 -17.32 -25.56 22.83
N ILE B 110 -16.22 -26.16 23.23
CA ILE B 110 -16.21 -27.45 23.89
C ILE B 110 -16.10 -27.25 25.40
N VAL B 111 -17.03 -27.83 26.15
CA VAL B 111 -16.94 -27.84 27.61
C VAL B 111 -16.85 -29.29 28.06
N GLY B 112 -15.89 -29.57 28.93
CA GLY B 112 -15.55 -30.95 29.24
C GLY B 112 -14.78 -31.55 28.07
N GLY B 113 -15.28 -32.66 27.54
CA GLY B 113 -14.60 -33.34 26.45
C GLY B 113 -15.47 -33.84 25.31
N ARG B 114 -16.75 -34.03 25.59
CA ARG B 114 -17.67 -34.61 24.60
C ARG B 114 -18.83 -33.68 24.27
N ASN B 115 -19.02 -32.63 25.07
CA ASN B 115 -20.14 -31.69 24.95
C ASN B 115 -19.79 -30.38 24.24
N VAL B 116 -20.36 -30.20 23.06
CA VAL B 116 -20.22 -28.96 22.31
C VAL B 116 -21.46 -28.11 22.51
N GLN B 117 -21.26 -26.83 22.79
CA GLN B 117 -22.35 -25.88 22.95
C GLN B 117 -21.85 -24.50 22.56
N VAL B 118 -22.64 -23.46 22.87
CA VAL B 118 -22.11 -22.10 22.77
C VAL B 118 -21.88 -21.61 24.19
N THR B 119 -20.88 -20.74 24.34
CA THR B 119 -20.37 -20.32 25.64
C THR B 119 -20.14 -18.82 25.59
N PRO B 120 -20.43 -18.09 26.69
CA PRO B 120 -20.01 -16.68 26.71
C PRO B 120 -18.52 -16.57 26.38
N GLU B 121 -18.19 -15.62 25.53
CA GLU B 121 -16.86 -15.44 24.98
C GLU B 121 -15.77 -15.54 26.05
N ASN B 122 -15.91 -14.80 27.14
CA ASN B 122 -14.85 -14.73 28.12
C ASN B 122 -14.58 -16.06 28.85
N GLU B 123 -15.51 -17.02 28.73
CA GLU B 123 -15.32 -18.37 29.31
C GLU B 123 -15.06 -19.43 28.23
N ALA B 124 -14.89 -18.99 26.99
CA ALA B 124 -14.80 -19.92 25.86
C ALA B 124 -13.34 -20.32 25.58
N ASN B 125 -12.85 -21.29 26.35
CA ASN B 125 -11.43 -21.62 26.35
C ASN B 125 -11.04 -22.76 25.38
N GLN B 126 -12.00 -23.29 24.64
CA GLN B 126 -11.73 -24.35 23.68
C GLN B 126 -12.63 -24.15 22.47
N ALA B 127 -12.50 -22.97 21.88
CA ALA B 127 -13.44 -22.44 20.90
C ALA B 127 -12.78 -22.22 19.54
N ARG B 128 -11.67 -22.90 19.29
CA ARG B 128 -11.00 -22.83 17.99
C ARG B 128 -11.55 -23.88 17.03
N TRP B 129 -11.85 -23.48 15.81
CA TRP B 129 -12.45 -24.35 14.81
C TRP B 129 -11.84 -24.09 13.45
N LYS B 130 -11.98 -25.06 12.56
CA LYS B 130 -11.46 -24.93 11.22
C LYS B 130 -12.47 -25.51 10.25
N PRO B 131 -13.08 -24.66 9.39
CA PRO B 131 -13.93 -25.18 8.34
C PRO B 131 -13.04 -25.82 7.30
N THR B 132 -13.28 -27.10 7.07
CA THR B 132 -12.43 -27.95 6.29
C THR B 132 -13.22 -28.52 5.12
N LEU B 133 -12.77 -28.20 3.91
CA LEU B 133 -13.45 -28.62 2.68
C LEU B 133 -13.49 -30.16 2.52
N GLN B 134 -14.39 -30.61 1.65
CA GLN B 134 -14.60 -32.02 1.30
C GLN B 134 -15.54 -32.63 2.32
N MET C 4 0.07 -31.15 -5.33
CA MET C 4 0.95 -31.49 -4.21
C MET C 4 2.40 -31.66 -4.66
N ALA C 5 3.28 -30.92 -4.00
CA ALA C 5 4.71 -30.94 -4.30
C ALA C 5 5.42 -31.92 -3.38
N HIS C 6 6.23 -32.79 -3.98
CA HIS C 6 7.03 -33.72 -3.21
C HIS C 6 8.30 -33.01 -2.82
N VAL C 7 8.65 -33.08 -1.54
CA VAL C 7 9.82 -32.36 -1.01
C VAL C 7 10.63 -33.23 -0.07
N THR C 8 11.91 -32.88 0.10
CA THR C 8 12.66 -33.39 1.24
C THR C 8 12.50 -32.33 2.32
N LEU C 9 12.57 -32.74 3.59
CA LEU C 9 12.51 -31.77 4.69
C LEU C 9 13.90 -31.75 5.28
N GLN C 10 14.70 -30.77 4.88
CA GLN C 10 16.07 -30.66 5.35
C GLN C 10 16.24 -29.64 6.45
N SER C 11 17.01 -30.05 7.46
CA SER C 11 17.30 -29.18 8.58
C SER C 11 18.22 -28.04 8.15
N LEU C 12 17.93 -26.85 8.66
CA LEU C 12 18.85 -25.73 8.53
C LEU C 12 19.59 -25.51 9.86
N SER C 13 19.38 -26.40 10.82
CA SER C 13 20.01 -26.29 12.14
C SER C 13 21.12 -27.33 12.34
N ASN C 14 21.31 -28.16 11.32
CA ASN C 14 22.30 -29.21 11.34
C ASN C 14 22.86 -29.28 9.92
N ASN C 15 24.16 -29.42 9.77
CA ASN C 15 24.76 -29.29 8.45
C ASN C 15 24.39 -30.38 7.44
N ASP C 16 23.88 -31.50 7.92
CA ASP C 16 23.38 -32.56 7.04
C ASP C 16 22.42 -33.48 7.77
N LEU C 17 21.16 -33.05 7.83
CA LEU C 17 20.11 -33.87 8.42
C LEU C 17 18.80 -33.66 7.68
N CYS C 18 18.15 -34.76 7.33
CA CYS C 18 16.86 -34.77 6.67
C CYS C 18 15.89 -35.63 7.46
N LEU C 19 14.61 -35.30 7.39
CA LEU C 19 13.58 -36.11 8.04
C LEU C 19 13.40 -37.41 7.26
N ASP C 20 13.50 -38.51 8.00
CA ASP C 20 13.77 -39.84 7.43
C ASP C 20 12.92 -40.93 8.09
N VAL C 21 12.27 -41.75 7.27
CA VAL C 21 11.53 -42.87 7.80
C VAL C 21 12.49 -44.03 8.08
N TYR C 22 12.77 -44.27 9.36
CA TYR C 22 13.54 -45.44 9.78
C TYR C 22 12.77 -46.73 9.57
N GLY C 23 11.45 -46.67 9.77
CA GLY C 23 10.62 -47.88 9.75
C GLY C 23 10.66 -48.68 11.03
N GLU C 24 10.36 -49.97 10.92
CA GLU C 24 10.41 -50.91 12.04
C GLU C 24 11.21 -52.12 11.60
N ASN C 25 12.34 -52.35 12.26
CA ASN C 25 13.21 -53.44 11.92
C ASN C 25 13.64 -53.42 10.45
N GLY C 26 14.02 -52.26 9.96
CA GLY C 26 14.52 -52.14 8.61
C GLY C 26 13.44 -52.10 7.53
N ASP C 27 12.20 -52.33 7.93
CA ASP C 27 11.07 -52.25 7.01
C ASP C 27 10.47 -50.85 7.05
N LYS C 28 10.70 -50.08 5.98
CA LYS C 28 10.29 -48.69 5.93
C LYS C 28 8.78 -48.51 5.72
N THR C 29 8.08 -49.56 5.28
CA THR C 29 6.68 -49.40 4.88
C THR C 29 5.68 -49.62 6.02
N VAL C 30 6.15 -50.04 7.18
CA VAL C 30 5.27 -50.45 8.28
C VAL C 30 4.53 -49.28 8.94
N ALA C 31 3.24 -49.44 9.16
CA ALA C 31 2.51 -48.44 9.94
C ALA C 31 3.07 -48.50 11.36
N GLY C 32 3.33 -47.34 11.96
CA GLY C 32 3.96 -47.27 13.27
C GLY C 32 5.47 -47.19 13.18
N GLY C 33 5.99 -47.21 11.96
CA GLY C 33 7.42 -47.12 11.77
C GLY C 33 7.97 -45.79 12.27
N SER C 34 9.18 -45.84 12.84
CA SER C 34 9.81 -44.67 13.44
C SER C 34 10.27 -43.64 12.40
N VAL C 35 10.19 -42.38 12.78
CA VAL C 35 10.71 -41.26 11.99
C VAL C 35 11.74 -40.48 12.80
N ASN C 36 12.93 -40.31 12.24
CA ASN C 36 14.01 -39.55 12.88
C ASN C 36 14.86 -38.88 11.82
N GLY C 37 16.10 -38.50 12.16
CA GLY C 37 16.98 -37.83 11.23
C GLY C 37 18.05 -38.71 10.61
N TRP C 38 18.53 -38.27 9.45
CA TRP C 38 19.56 -39.02 8.72
C TRP C 38 20.20 -38.07 7.72
N SER C 39 21.38 -38.42 7.21
CA SER C 39 22.02 -37.61 6.19
C SER C 39 21.20 -37.68 4.91
N CYS C 40 21.22 -36.59 4.13
CA CYS C 40 20.30 -36.45 2.99
C CYS C 40 20.75 -37.32 1.82
N HIS C 41 19.82 -38.08 1.26
CA HIS C 41 20.11 -38.81 0.02
C HIS C 41 18.86 -38.86 -0.87
N GLY C 42 17.73 -38.38 -0.36
CA GLY C 42 16.57 -38.20 -1.20
C GLY C 42 15.92 -39.46 -1.75
N SER C 43 16.24 -40.62 -1.16
CA SER C 43 15.49 -41.85 -1.40
C SER C 43 14.06 -41.62 -0.90
N TRP C 44 13.16 -42.50 -1.28
CA TRP C 44 11.72 -42.30 -1.05
C TRP C 44 11.32 -42.19 0.41
N ASN C 45 12.14 -42.74 1.30
CA ASN C 45 11.86 -42.63 2.73
C ASN C 45 12.29 -41.26 3.29
N GLN C 46 12.76 -40.38 2.42
CA GLN C 46 13.05 -38.99 2.81
C GLN C 46 12.22 -37.99 2.00
N VAL C 47 11.25 -38.47 1.24
CA VAL C 47 10.39 -37.60 0.43
C VAL C 47 9.01 -37.51 1.02
N TRP C 48 8.44 -36.31 1.01
CA TRP C 48 7.21 -36.03 1.73
C TRP C 48 6.32 -35.13 0.87
N GLY C 49 5.02 -35.21 1.11
CA GLY C 49 4.06 -34.37 0.40
C GLY C 49 2.95 -33.88 1.34
N LEU C 50 2.78 -32.57 1.41
CA LEU C 50 1.77 -31.97 2.29
C LEU C 50 0.41 -31.97 1.60
N ASP C 51 -0.56 -32.71 2.11
CA ASP C 51 -1.84 -32.81 1.40
C ASP C 51 -2.78 -31.69 1.83
N LYS C 52 -4.01 -31.71 1.32
CA LYS C 52 -4.98 -30.64 1.55
C LYS C 52 -5.54 -30.64 2.97
N GLU C 53 -5.28 -31.71 3.71
CA GLU C 53 -5.77 -31.83 5.08
C GLU C 53 -4.62 -31.55 6.05
N GLU C 54 -3.54 -30.99 5.50
CA GLU C 54 -2.35 -30.56 6.23
C GLU C 54 -1.51 -31.71 6.78
N ARG C 55 -1.59 -32.88 6.15
CA ARG C 55 -0.78 -34.03 6.58
C ARG C 55 0.43 -34.18 5.68
N TYR C 56 1.57 -34.51 6.27
CA TYR C 56 2.77 -34.84 5.51
C TYR C 56 2.84 -36.34 5.21
N ARG C 57 2.48 -36.65 3.98
CA ARG C 57 2.49 -38.01 3.46
C ARG C 57 3.87 -38.48 3.07
N SER C 58 4.23 -39.66 3.52
CA SER C 58 5.53 -40.24 3.14
C SER C 58 5.38 -41.00 1.84
N ARG C 59 6.41 -40.97 1.01
CA ARG C 59 6.44 -41.78 -0.19
C ARG C 59 6.85 -43.24 0.04
N VAL C 60 7.13 -43.68 1.29
CA VAL C 60 7.50 -45.09 1.49
C VAL C 60 6.42 -46.09 1.07
N ALA C 61 5.17 -45.65 1.12
CA ALA C 61 4.02 -46.47 0.73
C ALA C 61 2.80 -45.60 0.85
N SER C 62 1.67 -46.05 0.29
CA SER C 62 0.45 -45.27 0.41
C SER C 62 -0.03 -45.26 1.87
N ASP C 63 -0.73 -44.19 2.24
CA ASP C 63 -1.41 -44.07 3.54
C ASP C 63 -0.45 -44.08 4.71
N ARG C 64 0.65 -43.35 4.59
CA ARG C 64 1.58 -43.17 5.68
C ARG C 64 1.77 -41.66 5.92
N CYS C 65 1.31 -41.17 7.07
CA CYS C 65 1.34 -39.75 7.41
C CYS C 65 2.25 -39.53 8.61
N LEU C 66 3.00 -38.44 8.58
CA LEU C 66 3.84 -38.03 9.69
C LEU C 66 3.02 -37.70 10.94
N THR C 67 3.27 -38.43 12.01
CA THR C 67 2.41 -38.40 13.18
C THR C 67 3.18 -38.15 14.50
N VAL C 68 2.69 -37.20 15.28
CA VAL C 68 3.18 -36.93 16.63
C VAL C 68 2.55 -37.92 17.60
N ASN C 69 3.40 -38.61 18.36
CA ASN C 69 2.96 -39.55 19.37
C ASN C 69 2.91 -38.86 20.74
N ALA C 70 2.23 -39.48 21.70
CA ALA C 70 2.02 -38.88 23.01
C ALA C 70 3.33 -38.54 23.72
N ASP C 71 4.37 -39.34 23.52
CA ASP C 71 5.69 -39.07 24.10
C ASP C 71 6.52 -38.08 23.27
N LYS C 72 5.88 -37.41 22.30
CA LYS C 72 6.52 -36.40 21.48
C LYS C 72 7.43 -36.98 20.38
N THR C 73 7.54 -38.31 20.29
CA THR C 73 8.26 -38.89 19.16
C THR C 73 7.38 -38.95 17.89
N LEU C 74 8.02 -39.25 16.77
CA LEU C 74 7.38 -39.22 15.46
C LEU C 74 7.31 -40.59 14.85
N THR C 75 6.18 -40.89 14.21
CA THR C 75 6.05 -42.12 13.42
C THR C 75 5.31 -41.83 12.11
N VAL C 76 5.21 -42.83 11.24
CA VAL C 76 4.24 -42.77 10.14
C VAL C 76 3.09 -43.72 10.46
N GLU C 77 1.87 -43.25 10.26
CA GLU C 77 0.65 -43.99 10.59
C GLU C 77 -0.34 -43.83 9.44
N GLN C 78 -1.36 -44.68 9.42
CA GLN C 78 -2.48 -44.48 8.50
C GLN C 78 -3.05 -43.08 8.67
N CYS C 79 -3.41 -42.48 7.55
CA CYS C 79 -3.85 -41.10 7.51
C CYS C 79 -5.28 -40.96 7.98
N GLY C 80 -5.48 -40.11 8.97
CA GLY C 80 -6.79 -39.78 9.49
C GLY C 80 -6.93 -38.29 9.78
N ALA C 81 -7.87 -37.97 10.64
CA ALA C 81 -8.24 -36.58 10.91
C ALA C 81 -7.57 -35.99 12.14
N ASN C 82 -6.76 -36.80 12.84
CA ASN C 82 -6.23 -36.34 14.10
C ASN C 82 -5.34 -35.12 13.95
N LEU C 83 -5.45 -34.17 14.87
CA LEU C 83 -4.54 -33.00 14.82
C LEU C 83 -3.05 -33.40 14.94
N ALA C 84 -2.76 -34.56 15.52
CA ALA C 84 -1.39 -35.04 15.66
C ALA C 84 -0.75 -35.36 14.31
N GLN C 85 -1.55 -35.33 13.24
CA GLN C 85 -1.02 -35.55 11.89
C GLN C 85 -1.04 -34.31 11.04
N LYS C 86 -1.34 -33.18 11.67
CA LYS C 86 -1.50 -31.94 10.90
C LYS C 86 -0.37 -30.98 11.22
N TRP C 87 0.14 -30.34 10.16
CA TRP C 87 1.35 -29.52 10.18
C TRP C 87 1.15 -28.25 9.39
N TYR C 88 1.74 -27.15 9.85
CA TYR C 88 1.78 -25.92 9.07
C TYR C 88 3.10 -25.17 9.30
N TRP C 89 3.46 -24.37 8.33
CA TRP C 89 4.71 -23.61 8.32
C TRP C 89 4.54 -22.21 8.86
N GLU C 90 5.54 -21.75 9.60
CA GLU C 90 5.72 -20.34 9.86
C GLU C 90 7.18 -20.03 9.61
N GLY C 91 7.49 -19.41 8.47
CA GLY C 91 8.86 -19.20 8.10
C GLY C 91 9.47 -20.58 8.01
N ASP C 92 10.58 -20.80 8.70
CA ASP C 92 11.29 -22.07 8.58
C ASP C 92 10.95 -22.98 9.74
N LYS C 93 9.88 -22.64 10.48
CA LYS C 93 9.44 -23.47 11.58
C LYS C 93 8.30 -24.33 11.10
N LEU C 94 8.37 -25.63 11.40
CA LEU C 94 7.28 -26.55 11.09
C LEU C 94 6.55 -26.92 12.37
N ILE C 95 5.27 -26.56 12.42
CA ILE C 95 4.51 -26.56 13.66
C ILE C 95 3.41 -27.62 13.60
N SER C 96 3.26 -28.37 14.69
CA SER C 96 2.21 -29.37 14.81
C SER C 96 0.94 -28.74 15.34
N ARG C 97 -0.21 -29.27 14.93
CA ARG C 97 -1.49 -28.79 15.50
C ARG C 97 -1.86 -29.56 16.78
N TYR C 98 -0.99 -30.48 17.19
CA TYR C 98 -1.24 -31.32 18.36
C TYR C 98 -1.48 -30.47 19.56
N VAL C 99 -2.49 -30.81 20.36
CA VAL C 99 -2.73 -30.13 21.62
C VAL C 99 -2.63 -31.08 22.81
N ASP C 100 -2.15 -30.55 23.93
CA ASP C 100 -2.20 -31.25 25.20
C ASP C 100 -2.44 -30.22 26.31
N GLY C 101 -2.29 -30.62 27.57
CA GLY C 101 -2.54 -29.70 28.67
C GLY C 101 -1.34 -28.85 29.05
N ASN C 102 -0.72 -28.20 28.07
CA ASN C 102 0.46 -27.36 28.32
C ASN C 102 0.37 -25.93 27.79
N ASN C 103 -0.75 -25.56 27.17
CA ASN C 103 -0.90 -24.26 26.52
C ASN C 103 0.33 -23.91 25.66
N THR C 104 0.85 -24.89 24.92
CA THR C 104 2.05 -24.68 24.09
C THR C 104 1.92 -25.32 22.70
N ARG C 105 2.50 -24.66 21.70
CA ARG C 105 2.64 -25.27 20.39
C ARG C 105 3.89 -26.13 20.40
N TYR C 106 3.86 -27.20 19.62
CA TYR C 106 5.02 -28.07 19.46
C TYR C 106 5.59 -27.93 18.05
N LEU C 107 6.92 -27.83 17.99
CA LEU C 107 7.69 -27.61 16.78
C LEU C 107 8.61 -28.79 16.45
N LEU C 108 8.70 -29.09 15.16
CA LEU C 108 9.59 -30.13 14.72
C LEU C 108 11.01 -29.71 15.10
N ASN C 109 11.72 -30.56 15.85
CA ASN C 109 12.96 -30.15 16.47
C ASN C 109 13.99 -31.28 16.62
N ILE C 110 15.26 -30.97 16.37
CA ILE C 110 16.35 -31.89 16.65
C ILE C 110 16.69 -31.83 18.12
N VAL C 111 16.54 -32.94 18.82
CA VAL C 111 16.69 -32.94 20.27
C VAL C 111 18.02 -33.55 20.70
N GLY C 112 18.82 -34.00 19.74
CA GLY C 112 20.15 -34.51 20.03
C GLY C 112 20.56 -35.54 19.00
N GLY C 113 21.78 -35.43 18.48
CA GLY C 113 22.24 -36.35 17.45
C GLY C 113 21.35 -36.36 16.20
N ARG C 114 20.82 -37.52 15.85
CA ARG C 114 19.89 -37.65 14.74
C ARG C 114 18.46 -37.87 15.25
N ASN C 115 18.25 -37.64 16.54
CA ASN C 115 16.93 -37.73 17.14
C ASN C 115 16.11 -36.51 16.83
N VAL C 116 14.96 -36.74 16.21
CA VAL C 116 14.05 -35.67 15.85
C VAL C 116 12.71 -35.92 16.50
N GLN C 117 12.15 -34.89 17.12
CA GLN C 117 10.90 -35.01 17.83
C GLN C 117 10.11 -33.70 17.68
N VAL C 118 9.06 -33.52 18.47
CA VAL C 118 8.48 -32.18 18.60
C VAL C 118 8.76 -31.71 20.01
N THR C 119 9.00 -30.40 20.13
CA THR C 119 9.49 -29.75 21.33
C THR C 119 8.61 -28.49 21.54
N PRO C 120 8.28 -28.18 22.80
CA PRO C 120 7.59 -26.91 23.06
C PRO C 120 8.32 -25.74 22.41
N GLU C 121 7.56 -24.87 21.75
CA GLU C 121 8.10 -23.74 20.98
C GLU C 121 9.21 -22.94 21.68
N ASN C 122 9.07 -22.72 22.98
CA ASN C 122 10.05 -21.93 23.73
C ASN C 122 11.41 -22.61 23.86
N GLU C 123 11.41 -23.95 23.80
CA GLU C 123 12.62 -24.76 24.00
C GLU C 123 13.19 -25.34 22.69
N ALA C 124 12.57 -24.98 21.56
CA ALA C 124 12.97 -25.53 20.26
C ALA C 124 14.08 -24.72 19.58
N ASN C 125 15.34 -25.12 19.82
CA ASN C 125 16.47 -24.32 19.37
C ASN C 125 17.27 -24.95 18.23
N GLN C 126 16.78 -26.10 17.74
CA GLN C 126 17.30 -26.70 16.52
C GLN C 126 16.13 -27.10 15.60
N ALA C 127 15.25 -26.12 15.34
CA ALA C 127 13.94 -26.37 14.77
C ALA C 127 13.69 -25.62 13.46
N ARG C 128 14.77 -25.29 12.78
CA ARG C 128 14.67 -24.71 11.44
C ARG C 128 14.70 -25.80 10.36
N TRP C 129 13.79 -25.69 9.38
CA TRP C 129 13.70 -26.64 8.26
C TRP C 129 13.46 -25.94 6.94
N LYS C 130 13.84 -26.61 5.85
CA LYS C 130 13.57 -26.09 4.51
C LYS C 130 12.93 -27.20 3.65
N PRO C 131 11.68 -26.99 3.23
CA PRO C 131 11.12 -27.99 2.32
C PRO C 131 11.73 -27.80 0.95
N THR C 132 12.32 -28.86 0.41
CA THR C 132 13.10 -28.76 -0.81
C THR C 132 12.49 -29.63 -1.91
N LEU C 133 12.16 -29.03 -3.05
CA LEU C 133 11.53 -29.77 -4.14
C LEU C 133 12.38 -30.97 -4.56
N GLN C 134 11.77 -32.14 -4.76
CA GLN C 134 12.53 -33.35 -5.08
C GLN C 134 13.11 -33.25 -6.47
N MET D 4 19.50 -20.67 -15.41
CA MET D 4 20.50 -20.24 -14.44
C MET D 4 21.41 -19.17 -15.02
N ALA D 5 21.66 -18.15 -14.22
CA ALA D 5 22.48 -17.02 -14.62
C ALA D 5 23.95 -17.24 -14.27
N HIS D 6 24.82 -17.15 -15.27
CA HIS D 6 26.23 -17.18 -15.01
C HIS D 6 26.69 -15.78 -14.57
N VAL D 7 27.42 -15.74 -13.46
CA VAL D 7 27.84 -14.46 -12.89
C VAL D 7 29.29 -14.53 -12.43
N THR D 8 29.94 -13.36 -12.36
CA THR D 8 31.14 -13.24 -11.59
C THR D 8 30.72 -12.74 -10.20
N LEU D 9 31.48 -13.09 -9.17
CA LEU D 9 31.22 -12.62 -7.82
C LEU D 9 32.29 -11.62 -7.46
N GLN D 10 31.98 -10.35 -7.69
CA GLN D 10 32.97 -9.31 -7.60
C GLN D 10 32.82 -8.57 -6.28
N SER D 11 33.94 -8.33 -5.62
CA SER D 11 33.93 -7.64 -4.34
C SER D 11 33.54 -6.17 -4.49
N LEU D 12 32.69 -5.70 -3.58
CA LEU D 12 32.45 -4.25 -3.43
C LEU D 12 33.24 -3.67 -2.26
N SER D 13 34.10 -4.48 -1.63
CA SER D 13 34.92 -4.00 -0.53
C SER D 13 36.37 -3.85 -0.96
N ASN D 14 36.65 -4.11 -2.24
CA ASN D 14 38.02 -4.07 -2.77
C ASN D 14 37.94 -3.58 -4.20
N ASN D 15 38.81 -2.68 -4.60
CA ASN D 15 38.66 -2.10 -5.94
C ASN D 15 38.75 -3.07 -7.11
N ASP D 16 39.36 -4.25 -6.93
CA ASP D 16 39.37 -5.23 -8.01
C ASP D 16 39.67 -6.61 -7.49
N LEU D 17 38.63 -7.29 -7.05
CA LEU D 17 38.78 -8.66 -6.61
C LEU D 17 37.52 -9.41 -6.93
N CYS D 18 37.71 -10.57 -7.56
CA CYS D 18 36.64 -11.50 -7.89
C CYS D 18 36.92 -12.83 -7.21
N LEU D 19 35.87 -13.59 -6.91
CA LEU D 19 36.03 -14.92 -6.33
C LEU D 19 36.55 -15.88 -7.41
N ASP D 20 37.62 -16.60 -7.10
CA ASP D 20 38.46 -17.21 -8.12
C ASP D 20 38.91 -18.61 -7.69
N VAL D 21 38.70 -19.61 -8.55
CA VAL D 21 39.17 -20.96 -8.29
C VAL D 21 40.66 -21.01 -8.61
N TYR D 22 41.49 -21.05 -7.57
CA TYR D 22 42.95 -21.16 -7.72
C TYR D 22 43.31 -22.55 -8.27
N GLY D 23 42.57 -23.54 -7.81
CA GLY D 23 42.81 -24.93 -8.17
C GLY D 23 43.90 -25.54 -7.31
N GLU D 24 44.65 -26.47 -7.91
CA GLU D 24 45.77 -27.12 -7.23
C GLU D 24 46.88 -27.38 -8.24
N ASN D 25 47.99 -26.66 -8.08
CA ASN D 25 49.16 -26.80 -8.95
C ASN D 25 48.85 -26.55 -10.43
N GLY D 26 48.20 -25.42 -10.73
CA GLY D 26 47.89 -25.04 -12.09
C GLY D 26 46.62 -25.69 -12.63
N ASP D 27 46.22 -26.78 -12.00
CA ASP D 27 45.01 -27.50 -12.36
C ASP D 27 43.77 -26.82 -11.73
N LYS D 28 42.96 -26.14 -12.53
CA LYS D 28 41.74 -25.47 -12.00
C LYS D 28 40.56 -26.42 -11.78
N THR D 29 40.64 -27.64 -12.34
CA THR D 29 39.46 -28.52 -12.39
C THR D 29 39.39 -29.50 -11.24
N VAL D 30 40.43 -29.54 -10.42
CA VAL D 30 40.56 -30.58 -9.43
C VAL D 30 39.54 -30.41 -8.29
N ALA D 31 38.99 -31.52 -7.83
CA ALA D 31 38.17 -31.53 -6.62
C ALA D 31 39.03 -31.21 -5.39
N GLY D 32 38.57 -30.30 -4.54
CA GLY D 32 39.35 -29.87 -3.39
C GLY D 32 40.23 -28.65 -3.68
N GLY D 33 40.18 -28.16 -4.91
CA GLY D 33 40.95 -26.97 -5.30
C GLY D 33 40.56 -25.74 -4.50
N SER D 34 41.55 -24.91 -4.17
CA SER D 34 41.35 -23.77 -3.30
C SER D 34 40.58 -22.66 -4.01
N VAL D 35 39.82 -21.89 -3.25
CA VAL D 35 39.14 -20.70 -3.75
C VAL D 35 39.55 -19.51 -2.91
N ASN D 36 39.94 -18.46 -3.60
CA ASN D 36 40.34 -17.22 -2.96
C ASN D 36 40.04 -16.07 -3.93
N GLY D 37 40.75 -14.96 -3.81
CA GLY D 37 40.47 -13.78 -4.61
C GLY D 37 41.49 -13.55 -5.68
N TRP D 38 41.09 -12.84 -6.73
CA TRP D 38 42.00 -12.45 -7.81
C TRP D 38 41.45 -11.26 -8.59
N SER D 39 42.30 -10.49 -9.27
CA SER D 39 41.82 -9.40 -10.13
C SER D 39 40.80 -9.97 -11.14
N CYS D 40 39.75 -9.21 -11.45
CA CYS D 40 38.65 -9.70 -12.30
C CYS D 40 39.07 -9.86 -13.75
N HIS D 41 38.84 -11.05 -14.31
CA HIS D 41 39.01 -11.26 -15.75
C HIS D 41 37.91 -12.14 -16.36
N GLY D 42 37.03 -12.71 -15.54
CA GLY D 42 35.87 -13.41 -16.06
C GLY D 42 36.11 -14.68 -16.88
N SER D 43 37.27 -15.32 -16.68
CA SER D 43 37.52 -16.64 -17.25
C SER D 43 36.68 -17.66 -16.48
N TRP D 44 36.63 -18.89 -16.97
CA TRP D 44 35.80 -19.95 -16.42
C TRP D 44 35.97 -20.13 -14.91
N ASN D 45 37.17 -19.91 -14.41
CA ASN D 45 37.45 -20.10 -12.98
C ASN D 45 37.01 -18.87 -12.14
N GLN D 46 36.31 -17.93 -12.76
CA GLN D 46 35.67 -16.80 -12.08
C GLN D 46 34.16 -16.68 -12.36
N VAL D 47 33.62 -17.64 -13.09
CA VAL D 47 32.19 -17.67 -13.39
C VAL D 47 31.49 -18.71 -12.54
N TRP D 48 30.35 -18.33 -11.98
CA TRP D 48 29.63 -19.14 -11.03
C TRP D 48 28.17 -19.14 -11.44
N GLY D 49 27.43 -20.17 -11.01
CA GLY D 49 26.00 -20.19 -11.18
C GLY D 49 25.32 -20.69 -9.91
N LEU D 50 24.27 -20.00 -9.46
CA LEU D 50 23.54 -20.42 -8.27
C LEU D 50 22.39 -21.37 -8.64
N ASP D 51 22.49 -22.66 -8.25
CA ASP D 51 21.49 -23.65 -8.70
C ASP D 51 20.32 -23.71 -7.74
N LYS D 52 19.39 -24.61 -8.04
CA LYS D 52 18.14 -24.75 -7.32
C LYS D 52 18.35 -25.24 -5.89
N GLU D 53 19.54 -25.75 -5.57
CA GLU D 53 19.85 -26.24 -4.21
C GLU D 53 20.69 -25.22 -3.41
N GLU D 54 20.79 -24.01 -3.94
CA GLU D 54 21.52 -22.86 -3.35
C GLU D 54 23.02 -23.07 -3.33
N ARG D 55 23.49 -23.89 -4.26
CA ARG D 55 24.91 -24.12 -4.41
C ARG D 55 25.44 -23.22 -5.50
N TYR D 56 26.63 -22.65 -5.27
CA TYR D 56 27.32 -21.90 -6.32
C TYR D 56 28.25 -22.84 -7.09
N ARG D 57 27.81 -23.22 -8.28
CA ARG D 57 28.56 -24.13 -9.12
C ARG D 57 29.60 -23.36 -9.94
N SER D 58 30.83 -23.84 -9.95
CA SER D 58 31.90 -23.23 -10.74
C SER D 58 31.86 -23.73 -12.16
N ARG D 59 32.31 -22.91 -13.10
CA ARG D 59 32.35 -23.33 -14.49
C ARG D 59 33.65 -23.98 -14.90
N VAL D 60 34.56 -24.22 -13.96
CA VAL D 60 35.81 -24.89 -14.31
C VAL D 60 35.57 -26.30 -14.82
N ALA D 61 34.55 -26.96 -14.27
CA ALA D 61 34.21 -28.33 -14.67
C ALA D 61 32.87 -28.71 -14.08
N SER D 62 32.39 -29.88 -14.46
CA SER D 62 31.18 -30.42 -13.86
C SER D 62 31.38 -30.76 -12.39
N ASP D 63 30.32 -30.56 -11.61
CA ASP D 63 30.27 -31.03 -10.23
C ASP D 63 31.36 -30.39 -9.35
N ARG D 64 31.46 -29.06 -9.41
CA ARG D 64 32.34 -28.30 -8.54
C ARG D 64 31.55 -27.15 -7.89
N CYS D 65 31.34 -27.27 -6.59
CA CYS D 65 30.51 -26.34 -5.82
C CYS D 65 31.38 -25.63 -4.80
N LEU D 66 31.13 -24.35 -4.59
CA LEU D 66 31.79 -23.55 -3.55
C LEU D 66 31.51 -24.11 -2.17
N THR D 67 32.56 -24.42 -1.42
CA THR D 67 32.41 -25.18 -0.17
C THR D 67 33.11 -24.53 1.01
N VAL D 68 32.37 -24.30 2.08
CA VAL D 68 32.96 -23.87 3.34
C VAL D 68 33.61 -25.07 4.03
N ASN D 69 34.91 -24.97 4.32
CA ASN D 69 35.64 -26.02 5.00
C ASN D 69 35.69 -25.77 6.49
N ALA D 70 36.06 -26.79 7.26
CA ALA D 70 36.04 -26.74 8.71
C ALA D 70 36.84 -25.55 9.27
N ASP D 71 37.98 -25.25 8.64
CA ASP D 71 38.79 -24.11 9.05
C ASP D 71 38.29 -22.80 8.41
N LYS D 72 37.09 -22.84 7.83
CA LYS D 72 36.41 -21.64 7.32
C LYS D 72 37.04 -21.10 6.02
N THR D 73 37.99 -21.84 5.46
CA THR D 73 38.51 -21.58 4.10
C THR D 73 37.60 -22.18 3.01
N LEU D 74 37.89 -21.83 1.75
CA LEU D 74 37.02 -22.18 0.63
C LEU D 74 37.69 -23.06 -0.40
N THR D 75 36.94 -24.05 -0.87
CA THR D 75 37.39 -24.88 -1.97
C THR D 75 36.22 -25.14 -2.89
N VAL D 76 36.47 -25.75 -4.04
CA VAL D 76 35.43 -26.41 -4.82
C VAL D 76 35.46 -27.93 -4.57
N GLU D 77 34.27 -28.53 -4.42
CA GLU D 77 34.12 -29.95 -4.10
C GLU D 77 32.91 -30.48 -4.87
N GLN D 78 32.81 -31.79 -4.99
CA GLN D 78 31.65 -32.41 -5.62
C GLN D 78 30.38 -31.96 -4.90
N CYS D 79 29.30 -31.81 -5.65
CA CYS D 79 28.09 -31.19 -5.10
C CYS D 79 27.35 -32.20 -4.28
N GLY D 80 26.84 -31.75 -3.13
CA GLY D 80 26.11 -32.61 -2.22
C GLY D 80 25.05 -31.78 -1.51
N ALA D 81 24.57 -32.27 -0.37
CA ALA D 81 23.41 -31.68 0.28
C ALA D 81 23.84 -30.85 1.48
N ASN D 82 25.13 -30.87 1.82
CA ASN D 82 25.61 -30.18 2.99
C ASN D 82 25.34 -28.67 2.98
N LEU D 83 24.95 -28.14 4.13
CA LEU D 83 24.70 -26.71 4.26
C LEU D 83 25.96 -25.89 4.00
N ALA D 84 27.12 -26.55 4.12
CA ALA D 84 28.39 -25.90 3.88
C ALA D 84 28.54 -25.55 2.41
N GLN D 85 27.65 -26.07 1.56
CA GLN D 85 27.68 -25.71 0.15
C GLN D 85 26.51 -24.80 -0.22
N LYS D 86 25.70 -24.39 0.76
CA LYS D 86 24.54 -23.55 0.48
C LYS D 86 24.79 -22.08 0.81
N TRP D 87 24.28 -21.22 -0.07
CA TRP D 87 24.51 -19.79 -0.03
C TRP D 87 23.22 -19.02 -0.28
N TYR D 88 23.09 -17.87 0.36
CA TYR D 88 21.98 -16.98 0.05
C TYR D 88 22.39 -15.54 0.24
N TRP D 89 21.72 -14.65 -0.49
CA TRP D 89 22.04 -13.22 -0.46
C TRP D 89 21.16 -12.47 0.51
N GLU D 90 21.74 -11.48 1.19
CA GLU D 90 20.99 -10.46 1.88
C GLU D 90 21.62 -9.15 1.47
N GLY D 91 20.97 -8.41 0.59
CA GLY D 91 21.57 -7.23 0.02
C GLY D 91 22.87 -7.60 -0.66
N ASP D 92 23.98 -6.99 -0.28
CA ASP D 92 25.25 -7.30 -0.92
C ASP D 92 26.07 -8.29 -0.07
N LYS D 93 25.43 -8.91 0.91
CA LYS D 93 26.07 -9.94 1.74
C LYS D 93 25.74 -11.32 1.18
N LEU D 94 26.76 -12.16 1.10
CA LEU D 94 26.63 -13.53 0.61
C LEU D 94 26.87 -14.45 1.80
N ILE D 95 25.82 -15.11 2.22
CA ILE D 95 25.84 -15.79 3.51
C ILE D 95 25.79 -17.30 3.33
N SER D 96 26.64 -17.99 4.08
CA SER D 96 26.64 -19.45 4.12
C SER D 96 25.58 -19.98 5.08
N ARG D 97 24.96 -21.11 4.75
CA ARG D 97 24.05 -21.74 5.69
C ARG D 97 24.77 -22.63 6.71
N TYR D 98 26.11 -22.58 6.70
CA TYR D 98 26.90 -23.43 7.59
C TYR D 98 26.57 -23.12 9.05
N VAL D 99 26.52 -24.16 9.88
CA VAL D 99 26.22 -23.98 11.30
C VAL D 99 27.27 -24.63 12.20
N ASP D 100 27.44 -24.08 13.40
CA ASP D 100 28.26 -24.66 14.45
C ASP D 100 27.81 -24.13 15.83
N GLY D 101 28.55 -24.44 16.87
CA GLY D 101 28.19 -24.05 18.22
C GLY D 101 28.34 -22.56 18.54
N ASN D 102 28.83 -21.78 17.59
CA ASN D 102 29.15 -20.38 17.84
C ASN D 102 27.97 -19.42 17.68
N ASN D 103 26.80 -19.95 17.36
CA ASN D 103 25.58 -19.15 17.25
C ASN D 103 25.75 -17.91 16.36
N THR D 104 26.47 -18.08 15.25
CA THR D 104 26.69 -16.99 14.30
C THR D 104 26.45 -17.42 12.87
N ARG D 105 26.11 -16.46 12.02
CA ARG D 105 26.09 -16.66 10.59
C ARG D 105 27.48 -16.34 10.10
N TYR D 106 27.89 -17.03 9.05
CA TYR D 106 29.18 -16.84 8.42
C TYR D 106 28.99 -16.19 7.04
N LEU D 107 29.74 -15.11 6.81
CA LEU D 107 29.63 -14.30 5.59
C LEU D 107 30.91 -14.41 4.75
N LEU D 108 30.76 -14.41 3.42
CA LEU D 108 31.92 -14.42 2.54
C LEU D 108 32.63 -13.09 2.70
N ASN D 109 33.93 -13.14 2.89
CA ASN D 109 34.64 -11.98 3.41
C ASN D 109 36.10 -12.03 3.05
N ILE D 110 36.66 -10.90 2.63
CA ILE D 110 38.09 -10.77 2.38
C ILE D 110 38.80 -10.61 3.72
N VAL D 111 39.66 -11.55 4.04
CA VAL D 111 40.27 -11.57 5.36
C VAL D 111 41.64 -10.90 5.33
N GLY D 112 42.15 -10.61 4.13
CA GLY D 112 43.41 -9.89 3.97
C GLY D 112 44.05 -10.27 2.65
N GLY D 113 44.67 -9.30 1.98
CA GLY D 113 45.28 -9.54 0.67
C GLY D 113 44.26 -10.09 -0.33
N ARG D 114 44.54 -11.27 -0.86
CA ARG D 114 43.62 -11.95 -1.76
C ARG D 114 42.97 -13.17 -1.11
N ASN D 115 43.10 -13.27 0.21
CA ASN D 115 42.47 -14.35 0.98
C ASN D 115 41.00 -14.07 1.20
N VAL D 116 40.18 -15.02 0.80
CA VAL D 116 38.75 -14.95 1.04
C VAL D 116 38.31 -16.17 1.82
N GLN D 117 37.51 -15.95 2.85
CA GLN D 117 37.03 -17.01 3.71
C GLN D 117 35.60 -16.68 4.09
N VAL D 118 35.05 -17.40 5.06
CA VAL D 118 33.84 -16.92 5.71
C VAL D 118 34.19 -16.51 7.14
N THR D 119 33.52 -15.47 7.59
CA THR D 119 33.81 -14.78 8.82
C THR D 119 32.51 -14.59 9.58
N PRO D 120 32.57 -14.68 10.92
CA PRO D 120 31.38 -14.31 11.70
C PRO D 120 30.81 -12.94 11.30
N GLU D 121 29.48 -12.87 11.19
CA GLU D 121 28.78 -11.70 10.69
C GLU D 121 29.21 -10.40 11.37
N ASN D 122 29.28 -10.43 12.70
CA ASN D 122 29.66 -9.28 13.50
C ASN D 122 31.06 -8.74 13.14
N GLU D 123 31.96 -9.65 12.77
CA GLU D 123 33.35 -9.30 12.42
C GLU D 123 33.69 -9.31 10.91
N ALA D 124 32.67 -9.39 10.05
CA ALA D 124 32.90 -9.43 8.59
C ALA D 124 32.91 -8.03 7.97
N ASN D 125 34.09 -7.43 7.89
CA ASN D 125 34.23 -6.00 7.53
C ASN D 125 34.51 -5.75 6.05
N GLN D 126 34.82 -6.81 5.29
CA GLN D 126 35.06 -6.70 3.86
C GLN D 126 34.28 -7.74 3.10
N ALA D 127 32.97 -7.66 3.26
CA ALA D 127 32.05 -8.73 2.93
C ALA D 127 30.95 -8.28 1.99
N ARG D 128 31.19 -7.20 1.26
CA ARG D 128 30.25 -6.78 0.23
C ARG D 128 30.63 -7.37 -1.13
N TRP D 129 29.63 -7.93 -1.81
CA TRP D 129 29.78 -8.58 -3.11
C TRP D 129 28.64 -8.19 -4.05
N LYS D 130 28.91 -8.29 -5.34
CA LYS D 130 27.92 -8.07 -6.38
C LYS D 130 27.96 -9.22 -7.37
N PRO D 131 26.83 -9.96 -7.51
CA PRO D 131 26.78 -10.97 -8.55
C PRO D 131 26.58 -10.32 -9.90
N THR D 132 27.55 -10.45 -10.77
CA THR D 132 27.64 -9.65 -11.96
C THR D 132 27.42 -10.50 -13.17
N LEU D 133 26.34 -10.21 -13.90
CA LEU D 133 25.94 -11.04 -15.04
C LEU D 133 27.02 -11.06 -16.12
N GLN D 134 27.42 -12.26 -16.56
CA GLN D 134 28.52 -12.36 -17.52
C GLN D 134 28.06 -11.99 -18.92
N ALA E 3 17.91 0.49 -22.47
CA ALA E 3 18.88 1.05 -23.41
C ALA E 3 19.64 2.23 -22.80
N MET E 4 20.95 2.31 -23.07
CA MET E 4 21.77 3.38 -22.44
C MET E 4 21.27 4.76 -22.87
N ALA E 5 20.89 5.56 -21.89
CA ALA E 5 20.43 6.90 -22.18
C ALA E 5 21.62 7.87 -22.26
N HIS E 6 21.67 8.67 -23.31
CA HIS E 6 22.67 9.73 -23.40
C HIS E 6 22.23 10.92 -22.58
N VAL E 7 23.04 11.29 -21.61
CA VAL E 7 22.71 12.41 -20.76
C VAL E 7 23.85 13.42 -20.64
N THR E 8 23.49 14.66 -20.28
CA THR E 8 24.49 15.55 -19.69
C THR E 8 24.36 15.39 -18.18
N LEU E 9 25.46 15.61 -17.46
CA LEU E 9 25.47 15.57 -16.01
C LEU E 9 25.68 17.00 -15.54
N GLN E 10 24.58 17.68 -15.29
CA GLN E 10 24.55 19.09 -14.95
C GLN E 10 24.51 19.26 -13.45
N SER E 11 25.36 20.15 -12.93
CA SER E 11 25.33 20.50 -11.50
C SER E 11 24.05 21.21 -11.16
N LEU E 12 23.52 20.88 -9.98
CA LEU E 12 22.45 21.66 -9.37
C LEU E 12 23.02 22.51 -8.19
N SER E 13 24.36 22.58 -8.06
CA SER E 13 25.05 23.31 -7.01
C SER E 13 25.79 24.51 -7.59
N ASN E 14 25.69 24.68 -8.91
CA ASN E 14 26.35 25.77 -9.64
C ASN E 14 25.40 26.11 -10.80
N ASN E 15 25.20 27.40 -11.05
CA ASN E 15 24.16 27.83 -11.95
C ASN E 15 24.47 27.42 -13.40
N ASP E 16 25.72 27.09 -13.73
CA ASP E 16 25.99 26.62 -15.10
C ASP E 16 27.30 25.83 -15.18
N LEU E 17 27.20 24.53 -14.87
CA LEU E 17 28.33 23.59 -14.91
C LEU E 17 27.84 22.20 -15.25
N CYS E 18 28.45 21.62 -16.29
CA CYS E 18 28.31 20.27 -16.78
C CYS E 18 29.64 19.54 -16.65
N LEU E 19 29.60 18.24 -16.36
CA LEU E 19 30.78 17.38 -16.34
C LEU E 19 31.30 17.24 -17.76
N ASP E 20 32.59 17.52 -17.97
CA ASP E 20 33.16 17.85 -19.27
C ASP E 20 34.54 17.19 -19.44
N VAL E 21 34.75 16.50 -20.57
CA VAL E 21 36.05 15.96 -20.92
C VAL E 21 36.85 17.09 -21.56
N TYR E 22 37.86 17.51 -20.83
CA TYR E 22 38.78 18.55 -21.26
C TYR E 22 39.74 18.00 -22.32
N GLY E 23 40.17 16.76 -22.14
CA GLY E 23 41.06 16.13 -23.08
C GLY E 23 42.46 16.62 -22.79
N GLU E 24 43.31 16.64 -23.81
CA GLU E 24 44.67 17.16 -23.68
C GLU E 24 45.06 17.79 -24.98
N ASN E 25 45.57 19.03 -24.93
CA ASN E 25 46.15 19.62 -26.12
C ASN E 25 45.09 19.82 -27.20
N GLY E 26 43.86 20.03 -26.75
CA GLY E 26 42.76 20.23 -27.67
C GLY E 26 42.06 18.94 -28.07
N ASP E 27 42.70 17.79 -27.85
CA ASP E 27 42.16 16.50 -28.27
C ASP E 27 41.32 15.88 -27.14
N LYS E 28 40.01 15.84 -27.33
CA LYS E 28 39.07 15.33 -26.33
C LYS E 28 38.99 13.81 -26.26
N THR E 29 39.62 13.11 -27.20
CA THR E 29 39.49 11.65 -27.27
C THR E 29 40.59 10.86 -26.53
N VAL E 30 41.61 11.51 -25.99
CA VAL E 30 42.77 10.75 -25.50
C VAL E 30 42.43 9.90 -24.27
N ALA E 31 43.05 8.73 -24.17
CA ALA E 31 42.89 7.95 -22.95
C ALA E 31 43.66 8.68 -21.85
N GLY E 32 43.14 8.68 -20.64
CA GLY E 32 43.79 9.41 -19.55
C GLY E 32 43.54 10.90 -19.55
N GLY E 33 42.62 11.36 -20.40
CA GLY E 33 42.29 12.78 -20.47
C GLY E 33 41.50 13.26 -19.24
N SER E 34 41.78 14.49 -18.83
CA SER E 34 41.15 15.09 -17.69
C SER E 34 39.65 15.36 -17.89
N VAL E 35 38.92 15.26 -16.80
CA VAL E 35 37.50 15.57 -16.73
C VAL E 35 37.33 16.60 -15.66
N ASN E 36 36.63 17.68 -15.98
CA ASN E 36 36.30 18.70 -14.99
C ASN E 36 34.97 19.33 -15.36
N GLY E 37 34.72 20.58 -14.96
CA GLY E 37 33.45 21.21 -15.25
C GLY E 37 33.60 22.28 -16.29
N TRP E 38 32.52 22.56 -17.01
CA TRP E 38 32.49 23.63 -17.99
C TRP E 38 31.06 24.12 -18.10
N SER E 39 30.84 25.29 -18.69
CA SER E 39 29.48 25.72 -18.99
C SER E 39 28.85 24.75 -19.96
N CYS E 40 27.54 24.57 -19.86
CA CYS E 40 26.86 23.49 -20.57
C CYS E 40 26.61 23.86 -22.04
N HIS E 41 27.07 23.03 -22.97
CA HIS E 41 26.77 23.24 -24.38
C HIS E 41 26.31 21.91 -25.03
N GLY E 42 26.43 20.79 -24.33
CA GLY E 42 25.87 19.52 -24.80
C GLY E 42 26.54 18.83 -25.99
N SER E 43 27.76 19.22 -26.29
CA SER E 43 28.54 18.53 -27.31
C SER E 43 28.96 17.15 -26.79
N TRP E 44 29.62 16.37 -27.65
CA TRP E 44 29.91 14.99 -27.29
C TRP E 44 30.76 14.84 -26.00
N ASN E 45 31.64 15.80 -25.74
CA ASN E 45 32.50 15.74 -24.58
C ASN E 45 31.74 16.16 -23.31
N GLN E 46 30.42 16.29 -23.44
CA GLN E 46 29.58 16.56 -22.29
C GLN E 46 28.46 15.54 -22.21
N VAL E 47 28.49 14.54 -23.09
CA VAL E 47 27.45 13.50 -23.10
C VAL E 47 28.02 12.21 -22.52
N TRP E 48 27.21 11.57 -21.69
CA TRP E 48 27.60 10.43 -20.91
C TRP E 48 26.51 9.39 -21.02
N GLY E 49 26.84 8.12 -20.78
CA GLY E 49 25.82 7.07 -20.74
C GLY E 49 26.23 6.05 -19.69
N LEU E 50 25.28 5.61 -18.87
CA LEU E 50 25.57 4.66 -17.80
C LEU E 50 25.34 3.26 -18.32
N ASP E 51 26.39 2.42 -18.32
CA ASP E 51 26.28 1.12 -18.94
C ASP E 51 25.90 0.07 -17.90
N LYS E 52 25.70 -1.17 -18.36
CA LYS E 52 25.28 -2.26 -17.48
C LYS E 52 26.28 -2.63 -16.37
N GLU E 53 27.53 -2.17 -16.46
CA GLU E 53 28.53 -2.46 -15.45
C GLU E 53 28.71 -1.25 -14.54
N GLU E 54 27.75 -0.32 -14.63
CA GLU E 54 27.72 0.90 -13.81
C GLU E 54 28.82 1.91 -14.12
N ARG E 55 29.32 1.86 -15.36
CA ARG E 55 30.31 2.81 -15.79
C ARG E 55 29.67 3.93 -16.58
N TYR E 56 30.18 5.15 -16.42
CA TYR E 56 29.69 6.28 -17.18
C TYR E 56 30.61 6.46 -18.37
N ARG E 57 30.14 6.04 -19.54
CA ARG E 57 30.92 6.11 -20.76
C ARG E 57 30.78 7.48 -21.41
N SER E 58 31.90 8.08 -21.80
CA SER E 58 31.89 9.32 -22.55
C SER E 58 31.55 9.08 -24.02
N ARG E 59 30.84 10.02 -24.60
CA ARG E 59 30.43 9.94 -26.00
C ARG E 59 31.57 10.45 -26.90
N VAL E 60 32.70 10.89 -26.31
CA VAL E 60 33.76 11.48 -27.14
C VAL E 60 34.47 10.50 -28.06
N ALA E 61 34.46 9.22 -27.71
CA ALA E 61 35.14 8.16 -28.45
C ALA E 61 34.81 6.85 -27.77
N SER E 62 35.02 5.74 -28.47
CA SER E 62 34.81 4.42 -27.89
C SER E 62 35.71 4.21 -26.69
N ASP E 63 35.26 3.40 -25.74
CA ASP E 63 36.13 2.92 -24.68
C ASP E 63 36.72 4.04 -23.82
N ARG E 64 35.87 4.97 -23.39
CA ARG E 64 36.23 6.01 -22.45
C ARG E 64 35.23 6.07 -21.30
N CYS E 65 35.68 5.75 -20.08
CA CYS E 65 34.86 5.60 -18.86
C CYS E 65 35.34 6.59 -17.84
N LEU E 66 34.41 7.32 -17.21
CA LEU E 66 34.70 8.21 -16.09
C LEU E 66 35.36 7.47 -14.91
N THR E 67 36.58 7.89 -14.57
CA THR E 67 37.44 7.15 -13.68
C THR E 67 37.98 8.00 -12.56
N VAL E 68 37.77 7.51 -11.34
CA VAL E 68 38.39 8.06 -10.14
C VAL E 68 39.85 7.70 -10.07
N ASN E 69 40.70 8.72 -10.06
CA ASN E 69 42.15 8.53 -9.88
C ASN E 69 42.56 8.48 -8.41
N ALA E 70 43.78 8.02 -8.13
CA ALA E 70 44.27 7.89 -6.76
C ALA E 70 44.23 9.19 -6.00
N ASP E 71 44.44 10.33 -6.67
CA ASP E 71 44.44 11.63 -6.00
C ASP E 71 43.01 12.24 -5.97
N LYS E 72 42.01 11.43 -6.29
CA LYS E 72 40.57 11.81 -6.34
C LYS E 72 40.16 12.74 -7.46
N THR E 73 41.08 13.02 -8.39
CA THR E 73 40.68 13.70 -9.63
C THR E 73 40.03 12.69 -10.57
N LEU E 74 39.48 13.20 -11.66
CA LEU E 74 38.77 12.40 -12.64
C LEU E 74 39.40 12.45 -14.01
N THR E 75 39.35 11.31 -14.71
CA THR E 75 39.83 11.19 -16.07
C THR E 75 38.86 10.30 -16.85
N VAL E 76 38.98 10.25 -18.16
CA VAL E 76 38.42 9.12 -18.91
C VAL E 76 39.52 8.13 -19.24
N GLU E 77 39.22 6.85 -19.09
CA GLU E 77 40.22 5.78 -19.31
C GLU E 77 39.51 4.63 -20.02
N GLN E 78 40.30 3.73 -20.61
CA GLN E 78 39.79 2.49 -21.17
C GLN E 78 38.96 1.77 -20.13
N CYS E 79 37.87 1.13 -20.57
CA CYS E 79 36.90 0.54 -19.65
C CYS E 79 37.33 -0.84 -19.11
N GLY E 80 37.22 -1.04 -17.80
CA GLY E 80 37.54 -2.32 -17.15
C GLY E 80 36.61 -2.56 -15.97
N ALA E 81 37.07 -3.35 -15.02
CA ALA E 81 36.22 -3.89 -13.97
C ALA E 81 36.39 -3.16 -12.64
N ASN E 82 37.34 -2.24 -12.59
CA ASN E 82 37.70 -1.58 -11.35
C ASN E 82 36.55 -0.75 -10.80
N LEU E 83 36.41 -0.79 -9.49
CA LEU E 83 35.37 -0.01 -8.82
C LEU E 83 35.58 1.49 -9.02
N ALA E 84 36.80 1.89 -9.32
CA ALA E 84 37.10 3.29 -9.57
C ALA E 84 36.32 3.80 -10.78
N GLN E 85 35.79 2.88 -11.58
CA GLN E 85 34.95 3.28 -12.72
C GLN E 85 33.45 3.03 -12.55
N LYS E 86 33.03 2.67 -11.34
CA LYS E 86 31.61 2.38 -11.11
C LYS E 86 30.96 3.48 -10.28
N TRP E 87 29.72 3.80 -10.65
CA TRP E 87 28.95 4.92 -10.16
C TRP E 87 27.51 4.54 -9.90
N TYR E 88 26.90 5.10 -8.85
CA TYR E 88 25.47 4.89 -8.64
C TYR E 88 24.83 6.13 -8.08
N TRP E 89 23.53 6.26 -8.31
CA TRP E 89 22.78 7.40 -7.86
C TRP E 89 22.09 7.16 -6.53
N GLU E 90 22.10 8.16 -5.68
CA GLU E 90 21.16 8.25 -4.56
C GLU E 90 20.57 9.65 -4.59
N GLY E 91 19.33 9.75 -5.10
CA GLY E 91 18.68 11.03 -5.31
C GLY E 91 19.55 11.83 -6.26
N ASP E 92 19.99 13.02 -5.84
CA ASP E 92 20.79 13.86 -6.74
C ASP E 92 22.31 13.73 -6.49
N LYS E 93 22.72 12.74 -5.69
CA LYS E 93 24.13 12.49 -5.42
C LYS E 93 24.59 11.36 -6.34
N LEU E 94 25.74 11.56 -6.97
CA LEU E 94 26.35 10.55 -7.79
C LEU E 94 27.59 10.01 -7.09
N ILE E 95 27.51 8.72 -6.76
CA ILE E 95 28.44 8.15 -5.79
C ILE E 95 29.34 7.13 -6.48
N SER E 96 30.62 7.19 -6.15
CA SER E 96 31.60 6.26 -6.69
C SER E 96 31.64 5.03 -5.83
N ARG E 97 31.93 3.88 -6.43
CA ARG E 97 32.13 2.66 -5.67
C ARG E 97 33.57 2.50 -5.18
N TYR E 98 34.42 3.49 -5.48
CA TYR E 98 35.83 3.50 -5.05
C TYR E 98 36.02 3.27 -3.56
N VAL E 99 36.95 2.39 -3.17
CA VAL E 99 37.17 2.15 -1.74
C VAL E 99 38.60 2.47 -1.35
N ASP E 100 38.80 2.83 -0.09
CA ASP E 100 40.14 2.89 0.52
C ASP E 100 40.01 2.73 2.04
N GLY E 101 41.05 3.10 2.76
CA GLY E 101 41.09 2.89 4.19
C GLY E 101 40.42 3.98 5.02
N ASN E 102 39.75 4.94 4.36
CA ASN E 102 39.23 6.10 5.07
C ASN E 102 37.79 5.96 5.54
N ASN E 103 37.25 4.75 5.47
CA ASN E 103 35.87 4.48 5.87
C ASN E 103 34.88 5.55 5.35
N THR E 104 34.88 5.81 4.04
CA THR E 104 33.94 6.78 3.50
C THR E 104 33.52 6.49 2.07
N ARG E 105 32.33 6.96 1.71
CA ARG E 105 31.92 7.03 0.33
C ARG E 105 32.45 8.34 -0.26
N TYR E 106 32.78 8.29 -1.55
CA TYR E 106 33.23 9.44 -2.30
C TYR E 106 32.13 9.86 -3.31
N LEU E 107 31.80 11.15 -3.30
CA LEU E 107 30.77 11.73 -4.10
C LEU E 107 31.36 12.66 -5.14
N LEU E 108 30.79 12.66 -6.33
CA LEU E 108 31.11 13.67 -7.34
C LEU E 108 30.78 15.04 -6.82
N ASN E 109 31.76 15.92 -6.84
CA ASN E 109 31.69 17.15 -6.12
C ASN E 109 32.48 18.26 -6.79
N ILE E 110 31.91 19.45 -6.81
CA ILE E 110 32.68 20.60 -7.26
C ILE E 110 33.55 21.08 -6.13
N VAL E 111 34.87 21.13 -6.31
CA VAL E 111 35.71 21.52 -5.20
C VAL E 111 36.19 22.96 -5.29
N GLY E 112 35.79 23.68 -6.33
CA GLY E 112 36.18 25.08 -6.49
C GLY E 112 36.23 25.49 -7.96
N GLY E 113 35.67 26.64 -8.28
CA GLY E 113 35.60 27.10 -9.65
C GLY E 113 35.03 26.02 -10.54
N ARG E 114 35.80 25.58 -11.54
CA ARG E 114 35.32 24.54 -12.47
C ARG E 114 35.96 23.20 -12.17
N ASN E 115 36.62 23.09 -11.01
CA ASN E 115 37.28 21.82 -10.67
C ASN E 115 36.29 20.84 -10.06
N VAL E 116 36.23 19.65 -10.64
CA VAL E 116 35.33 18.59 -10.16
C VAL E 116 36.17 17.40 -9.79
N GLN E 117 35.94 16.87 -8.59
CA GLN E 117 36.61 15.66 -8.10
C GLN E 117 35.60 14.76 -7.39
N VAL E 118 36.08 13.74 -6.67
CA VAL E 118 35.21 13.09 -5.71
C VAL E 118 35.70 13.49 -4.32
N THR E 119 34.76 13.57 -3.38
CA THR E 119 35.04 14.10 -2.06
C THR E 119 34.39 13.18 -1.01
N PRO E 120 34.99 13.04 0.17
CA PRO E 120 34.27 12.27 1.18
C PRO E 120 32.86 12.82 1.40
N GLU E 121 31.91 11.91 1.58
CA GLU E 121 30.48 12.26 1.68
C GLU E 121 30.21 13.36 2.70
N ASN E 122 30.81 13.25 3.89
CA ASN E 122 30.50 14.22 4.93
C ASN E 122 31.06 15.62 4.61
N GLU E 123 31.90 15.77 3.58
CA GLU E 123 32.47 17.07 3.19
C GLU E 123 32.06 17.53 1.79
N ALA E 124 31.17 16.81 1.16
CA ALA E 124 30.80 17.10 -0.24
C ALA E 124 29.63 18.12 -0.28
N ASN E 125 29.97 19.41 -0.32
CA ASN E 125 28.99 20.47 -0.25
C ASN E 125 28.48 21.01 -1.57
N GLN E 126 29.06 20.61 -2.69
CA GLN E 126 28.56 21.05 -4.00
C GLN E 126 28.43 19.81 -4.90
N ALA E 127 27.60 18.88 -4.42
CA ALA E 127 27.60 17.51 -4.90
C ALA E 127 26.24 17.05 -5.46
N ARG E 128 25.39 17.99 -5.82
CA ARG E 128 24.08 17.73 -6.42
C ARG E 128 24.16 17.74 -7.96
N TRP E 129 23.58 16.74 -8.62
CA TRP E 129 23.68 16.56 -10.09
C TRP E 129 22.35 16.12 -10.63
N LYS E 130 22.11 16.49 -11.88
CA LYS E 130 20.92 16.08 -12.59
C LYS E 130 21.31 15.45 -13.92
N PRO E 131 20.98 14.16 -14.13
CA PRO E 131 21.27 13.58 -15.45
C PRO E 131 20.17 13.99 -16.38
N THR E 132 20.53 14.66 -17.45
CA THR E 132 19.58 15.34 -18.33
C THR E 132 19.70 14.70 -19.71
N LEU E 133 18.59 14.15 -20.19
CA LEU E 133 18.53 13.50 -21.49
C LEU E 133 18.99 14.46 -22.57
N GLN E 134 19.90 13.99 -23.41
CA GLN E 134 20.47 14.84 -24.43
C GLN E 134 20.39 14.13 -25.71
N GLN E 135 19.70 14.76 -26.66
CA GLN E 135 19.73 14.34 -28.07
C GLN E 135 21.17 14.37 -28.55
N VAL E 136 21.59 13.30 -29.20
CA VAL E 136 22.93 13.23 -29.74
C VAL E 136 22.84 13.20 -31.27
N LYS E 137 23.64 14.05 -31.91
CA LYS E 137 23.73 14.12 -33.38
C LYS E 137 24.91 13.25 -33.89
N LEU E 138 24.64 12.38 -34.85
CA LEU E 138 25.65 11.38 -35.29
C LEU E 138 26.80 11.96 -36.11
N ALA F 3 4.51 19.66 -27.59
CA ALA F 3 3.36 20.55 -27.48
C ALA F 3 3.06 20.95 -26.04
N MET F 4 3.64 22.05 -25.60
CA MET F 4 3.47 22.51 -24.21
C MET F 4 2.07 23.00 -23.93
N ALA F 5 1.55 22.62 -22.77
CA ALA F 5 0.24 23.12 -22.38
C ALA F 5 0.38 24.60 -22.06
N HIS F 6 -0.60 25.34 -22.56
CA HIS F 6 -0.74 26.75 -22.31
C HIS F 6 -1.23 27.02 -20.89
N VAL F 7 -0.43 27.64 -20.05
CA VAL F 7 -0.91 27.96 -18.71
C VAL F 7 -0.74 29.43 -18.41
N THR F 8 -1.63 29.97 -17.59
CA THR F 8 -1.30 31.19 -16.89
C THR F 8 -0.74 30.79 -15.55
N LEU F 9 0.10 31.64 -14.99
CA LEU F 9 0.62 31.45 -13.64
C LEU F 9 -0.11 32.41 -12.72
N GLN F 10 -1.20 31.92 -12.14
CA GLN F 10 -2.09 32.75 -11.37
C GLN F 10 -1.79 32.62 -9.85
N SER F 11 -1.74 33.74 -9.15
CA SER F 11 -1.55 33.72 -7.69
C SER F 11 -2.74 33.15 -6.94
N LEU F 12 -2.47 32.37 -5.89
CA LEU F 12 -3.48 32.02 -4.94
C LEU F 12 -3.32 32.83 -3.66
N SER F 13 -2.45 33.82 -3.68
CA SER F 13 -2.16 34.64 -2.49
C SER F 13 -2.71 36.07 -2.66
N ASN F 14 -3.32 36.31 -3.81
CA ASN F 14 -3.84 37.60 -4.24
C ASN F 14 -5.08 37.30 -5.10
N ASN F 15 -6.16 38.03 -4.90
CA ASN F 15 -7.42 37.66 -5.50
C ASN F 15 -7.41 37.83 -7.03
N ASP F 16 -6.47 38.60 -7.58
CA ASP F 16 -6.37 38.66 -9.06
C ASP F 16 -5.00 39.16 -9.49
N LEU F 17 -4.07 38.22 -9.61
CA LEU F 17 -2.71 38.51 -10.10
C LEU F 17 -2.16 37.30 -10.86
N CYS F 18 -1.66 37.56 -12.07
CA CYS F 18 -0.99 36.58 -12.97
C CYS F 18 0.43 37.04 -13.24
N LEU F 19 1.34 36.11 -13.46
CA LEU F 19 2.69 36.48 -13.88
C LEU F 19 2.65 37.00 -15.34
N ASP F 20 3.27 38.14 -15.61
CA ASP F 20 2.99 38.96 -16.78
C ASP F 20 4.29 39.55 -17.29
N VAL F 21 4.55 39.39 -18.59
CA VAL F 21 5.69 40.06 -19.21
C VAL F 21 5.35 41.49 -19.49
N TYR F 22 5.98 42.41 -18.76
CA TYR F 22 5.74 43.85 -18.94
C TYR F 22 6.45 44.32 -20.18
N GLY F 23 7.61 43.75 -20.44
CA GLY F 23 8.37 44.15 -21.58
C GLY F 23 9.11 45.42 -21.32
N GLU F 24 9.21 46.26 -22.36
CA GLU F 24 9.90 47.54 -22.27
C GLU F 24 9.28 48.52 -23.28
N ASN F 25 8.78 49.63 -22.77
CA ASN F 25 8.12 50.66 -23.58
C ASN F 25 7.00 50.09 -24.45
N GLY F 26 6.24 49.15 -23.89
CA GLY F 26 5.11 48.58 -24.61
C GLY F 26 5.47 47.36 -25.45
N ASP F 27 6.76 47.12 -25.66
CA ASP F 27 7.16 45.96 -26.46
C ASP F 27 7.35 44.77 -25.56
N LYS F 28 6.42 43.82 -25.60
CA LYS F 28 6.47 42.68 -24.73
C LYS F 28 7.47 41.59 -25.20
N THR F 29 8.04 41.72 -26.40
CA THR F 29 8.90 40.68 -26.96
C THR F 29 10.40 40.82 -26.66
N VAL F 30 10.80 41.88 -25.99
CA VAL F 30 12.24 42.21 -25.94
C VAL F 30 12.99 41.38 -24.91
N ALA F 31 14.19 40.93 -25.31
CA ALA F 31 15.07 40.24 -24.38
C ALA F 31 15.45 41.18 -23.25
N GLY F 32 15.35 40.67 -22.03
CA GLY F 32 15.66 41.44 -20.85
C GLY F 32 14.43 42.20 -20.39
N GLY F 33 13.31 41.94 -21.03
CA GLY F 33 12.06 42.53 -20.61
C GLY F 33 11.64 42.11 -19.22
N SER F 34 11.11 43.06 -18.47
CA SER F 34 10.72 42.84 -17.10
C SER F 34 9.46 41.97 -16.99
N VAL F 35 9.44 41.13 -15.96
CA VAL F 35 8.32 40.25 -15.63
C VAL F 35 7.84 40.62 -14.25
N ASN F 36 6.56 40.89 -14.08
CA ASN F 36 6.00 41.21 -12.75
C ASN F 36 4.57 40.69 -12.73
N GLY F 37 3.72 41.29 -11.92
CA GLY F 37 2.32 40.86 -11.85
C GLY F 37 1.34 41.82 -12.49
N TRP F 38 0.18 41.28 -12.88
CA TRP F 38 -0.90 42.05 -13.41
C TRP F 38 -2.22 41.31 -13.23
N SER F 39 -3.34 42.00 -13.33
CA SER F 39 -4.59 41.28 -13.32
C SER F 39 -4.68 40.33 -14.50
N CYS F 40 -5.36 39.21 -14.28
CA CYS F 40 -5.34 38.10 -15.23
C CYS F 40 -6.21 38.45 -16.44
N HIS F 41 -5.64 38.43 -17.63
CA HIS F 41 -6.45 38.59 -18.83
C HIS F 41 -6.15 37.54 -19.88
N GLY F 42 -5.12 36.72 -19.71
CA GLY F 42 -4.89 35.62 -20.62
C GLY F 42 -4.32 35.92 -22.02
N SER F 43 -3.84 37.15 -22.24
CA SER F 43 -3.17 37.49 -23.49
C SER F 43 -1.82 36.77 -23.49
N TRP F 44 -1.15 36.80 -24.62
CA TRP F 44 0.05 35.97 -24.80
C TRP F 44 1.16 36.36 -23.81
N ASN F 45 1.21 37.61 -23.36
CA ASN F 45 2.24 37.99 -22.38
C ASN F 45 1.95 37.47 -20.99
N GLN F 46 0.86 36.74 -20.82
CA GLN F 46 0.59 36.05 -19.58
C GLN F 46 0.54 34.53 -19.74
N VAL F 47 0.81 34.04 -20.94
CA VAL F 47 0.72 32.62 -21.20
C VAL F 47 2.14 32.05 -21.26
N TRP F 48 2.29 30.91 -20.60
CA TRP F 48 3.55 30.25 -20.38
C TRP F 48 3.45 28.77 -20.73
N GLY F 49 4.60 28.16 -20.98
CA GLY F 49 4.72 26.72 -21.20
C GLY F 49 5.98 26.19 -20.54
N LEU F 50 5.87 25.04 -19.85
CA LEU F 50 7.02 24.43 -19.12
C LEU F 50 7.68 23.45 -20.05
N ASP F 51 8.93 23.68 -20.46
CA ASP F 51 9.52 22.80 -21.46
C ASP F 51 10.31 21.66 -20.79
N LYS F 52 10.85 20.77 -21.61
CA LYS F 52 11.56 19.58 -21.10
C LYS F 52 12.81 19.88 -20.25
N GLU F 53 13.34 21.11 -20.32
CA GLU F 53 14.52 21.55 -19.56
C GLU F 53 14.14 22.33 -18.32
N GLU F 54 12.84 22.30 -17.99
CA GLU F 54 12.24 22.96 -16.82
C GLU F 54 12.20 24.47 -16.94
N ARG F 55 12.18 24.97 -18.17
CA ARG F 55 12.08 26.41 -18.39
C ARG F 55 10.63 26.81 -18.64
N TYR F 56 10.23 27.96 -18.09
CA TYR F 56 8.92 28.54 -18.45
C TYR F 56 9.07 29.51 -19.62
N ARG F 57 8.66 29.04 -20.79
CA ARG F 57 8.73 29.81 -22.03
C ARG F 57 7.48 30.66 -22.16
N SER F 58 7.68 31.93 -22.47
CA SER F 58 6.63 32.87 -22.77
C SER F 58 6.13 32.79 -24.20
N ARG F 59 4.86 32.99 -24.38
CA ARG F 59 4.28 33.04 -25.74
C ARG F 59 4.43 34.39 -26.44
N VAL F 60 5.14 35.37 -25.85
CA VAL F 60 5.33 36.65 -26.55
C VAL F 60 6.21 36.54 -27.80
N ALA F 61 7.15 35.61 -27.80
CA ALA F 61 8.09 35.46 -28.92
C ALA F 61 8.81 34.12 -28.75
N SER F 62 9.46 33.70 -29.81
CA SER F 62 10.37 32.58 -29.75
C SER F 62 11.52 32.89 -28.78
N ASP F 63 12.01 31.90 -28.06
CA ASP F 63 13.23 32.03 -27.28
C ASP F 63 13.17 33.05 -26.12
N ARG F 64 12.10 33.02 -25.34
CA ARG F 64 11.96 33.90 -24.18
C ARG F 64 11.52 33.10 -22.97
N CYS F 65 12.45 32.88 -22.02
CA CYS F 65 12.33 32.06 -20.80
C CYS F 65 12.28 32.96 -19.56
N LEU F 66 11.44 32.59 -18.60
CA LEU F 66 11.44 33.23 -17.27
C LEU F 66 12.78 33.08 -16.53
N THR F 67 13.43 34.19 -16.23
CA THR F 67 14.79 34.19 -15.71
C THR F 67 14.95 34.95 -14.37
N VAL F 68 15.53 34.28 -13.38
CA VAL F 68 15.90 34.92 -12.13
C VAL F 68 17.17 35.71 -12.34
N ASN F 69 17.15 36.99 -12.03
CA ASN F 69 18.36 37.82 -12.09
C ASN F 69 19.08 37.87 -10.74
N ALA F 70 20.32 38.35 -10.73
CA ALA F 70 21.16 38.35 -9.53
C ALA F 70 20.50 39.07 -8.36
N ASP F 71 19.79 40.14 -8.68
CA ASP F 71 19.08 40.93 -7.65
C ASP F 71 17.65 40.39 -7.35
N LYS F 72 17.35 39.18 -7.83
CA LYS F 72 16.10 38.45 -7.52
C LYS F 72 14.87 38.95 -8.30
N THR F 73 15.04 39.95 -9.17
CA THR F 73 13.95 40.37 -10.06
C THR F 73 13.83 39.38 -11.21
N LEU F 74 12.75 39.46 -11.97
CA LEU F 74 12.53 38.49 -13.03
C LEU F 74 12.48 39.16 -14.38
N THR F 75 13.02 38.49 -15.40
CA THR F 75 12.99 38.97 -16.78
C THR F 75 12.69 37.80 -17.73
N VAL F 76 12.45 38.10 -18.99
CA VAL F 76 12.49 37.08 -20.00
C VAL F 76 13.79 37.27 -20.79
N GLU F 77 14.43 36.15 -21.08
CA GLU F 77 15.73 36.11 -21.75
C GLU F 77 15.78 34.95 -22.73
N GLN F 78 16.74 34.99 -23.64
CA GLN F 78 17.06 33.86 -24.51
C GLN F 78 17.24 32.62 -23.71
N CYS F 79 16.78 31.49 -24.24
CA CYS F 79 16.75 30.24 -23.46
C CYS F 79 18.15 29.57 -23.50
N GLY F 80 18.60 29.11 -22.34
CA GLY F 80 19.86 28.39 -22.20
C GLY F 80 19.80 27.37 -21.06
N ALA F 81 20.97 27.00 -20.57
CA ALA F 81 21.11 25.91 -19.63
C ALA F 81 21.13 26.38 -18.18
N ASN F 82 21.17 27.70 -17.98
CA ASN F 82 21.36 28.24 -16.62
C ASN F 82 20.27 27.83 -15.62
N LEU F 83 20.69 27.46 -14.42
CA LEU F 83 19.73 27.12 -13.36
C LEU F 83 18.78 28.27 -13.09
N ALA F 84 19.20 29.48 -13.42
CA ALA F 84 18.36 30.67 -13.20
C ALA F 84 17.11 30.63 -14.05
N GLN F 85 17.04 29.72 -15.02
CA GLN F 85 15.87 29.60 -15.87
C GLN F 85 15.11 28.32 -15.59
N LYS F 86 15.50 27.57 -14.56
CA LYS F 86 14.83 26.31 -14.28
C LYS F 86 13.90 26.45 -13.06
N TRP F 87 12.75 25.81 -13.20
CA TRP F 87 11.64 25.89 -12.25
C TRP F 87 10.98 24.56 -11.99
N TYR F 88 10.56 24.35 -10.75
CA TYR F 88 9.79 23.17 -10.40
C TYR F 88 8.76 23.47 -9.32
N TRP F 89 7.73 22.63 -9.29
CA TRP F 89 6.62 22.78 -8.39
C TRP F 89 6.74 21.88 -7.20
N GLU F 90 6.41 22.37 -6.01
CA GLU F 90 6.07 21.53 -4.86
C GLU F 90 4.73 22.04 -4.33
N GLY F 91 3.65 21.33 -4.59
CA GLY F 91 2.34 21.82 -4.18
C GLY F 91 2.10 23.12 -4.94
N ASP F 92 1.69 24.17 -4.24
CA ASP F 92 1.38 25.42 -4.94
C ASP F 92 2.56 26.39 -4.92
N LYS F 93 3.74 25.86 -4.56
CA LYS F 93 4.99 26.62 -4.61
C LYS F 93 5.77 26.38 -5.92
N LEU F 94 6.20 27.47 -6.52
CA LEU F 94 6.97 27.43 -7.72
C LEU F 94 8.37 27.87 -7.39
N ILE F 95 9.29 26.93 -7.49
CA ILE F 95 10.62 27.06 -6.89
C ILE F 95 11.66 27.13 -7.99
N SER F 96 12.59 28.06 -7.85
CA SER F 96 13.68 28.24 -8.77
C SER F 96 14.84 27.28 -8.44
N ARG F 97 15.58 26.85 -9.43
CA ARG F 97 16.85 26.13 -9.19
C ARG F 97 18.08 27.03 -8.98
N TYR F 98 17.86 28.34 -9.03
CA TYR F 98 18.95 29.30 -8.88
C TYR F 98 19.74 29.08 -7.61
N VAL F 99 21.07 29.10 -7.68
CA VAL F 99 21.84 29.00 -6.46
C VAL F 99 22.68 30.25 -6.23
N ASP F 100 22.92 30.56 -4.96
CA ASP F 100 23.95 31.53 -4.63
C ASP F 100 24.54 31.23 -3.24
N GLY F 101 25.27 32.19 -2.65
CA GLY F 101 25.98 31.98 -1.39
C GLY F 101 25.08 31.93 -0.15
N ASN F 102 23.81 32.24 -0.30
CA ASN F 102 22.89 32.31 0.84
C ASN F 102 22.32 30.96 1.28
N ASN F 103 22.52 29.92 0.48
CA ASN F 103 22.11 28.59 0.90
C ASN F 103 20.63 28.49 1.20
N THR F 104 19.84 29.01 0.29
CA THR F 104 18.40 28.96 0.40
C THR F 104 17.84 28.63 -0.96
N ARG F 105 16.68 28.00 -1.01
CA ARG F 105 15.90 27.93 -2.22
C ARG F 105 15.16 29.25 -2.34
N TYR F 106 14.93 29.67 -3.59
CA TYR F 106 14.17 30.87 -3.89
C TYR F 106 12.81 30.50 -4.50
N LEU F 107 11.74 31.14 -4.02
CA LEU F 107 10.37 30.86 -4.44
C LEU F 107 9.80 32.07 -5.13
N LEU F 108 9.04 31.84 -6.19
CA LEU F 108 8.25 32.89 -6.84
C LEU F 108 7.29 33.46 -5.82
N ASN F 109 7.32 34.78 -5.66
CA ASN F 109 6.66 35.45 -4.52
C ASN F 109 6.24 36.87 -4.85
N ILE F 110 5.02 37.24 -4.43
CA ILE F 110 4.61 38.62 -4.53
C ILE F 110 5.27 39.42 -3.41
N VAL F 111 5.97 40.50 -3.77
CA VAL F 111 6.63 41.32 -2.76
C VAL F 111 6.07 42.73 -2.63
N GLY F 112 4.79 42.94 -2.93
CA GLY F 112 4.16 44.24 -2.68
C GLY F 112 3.52 44.68 -3.98
N GLY F 113 2.24 45.04 -3.90
CA GLY F 113 1.45 45.48 -5.03
C GLY F 113 1.50 44.45 -6.15
N ARG F 114 1.99 44.87 -7.31
CA ARG F 114 2.09 43.98 -8.47
C ARG F 114 3.52 43.52 -8.67
N ASN F 115 4.38 43.77 -7.68
CA ASN F 115 5.80 43.37 -7.83
C ASN F 115 5.97 41.91 -7.50
N VAL F 116 6.55 41.15 -8.42
CA VAL F 116 6.80 39.73 -8.25
C VAL F 116 8.29 39.47 -8.43
N GLN F 117 8.90 38.80 -7.46
CA GLN F 117 10.34 38.49 -7.48
C GLN F 117 10.53 37.06 -7.01
N VAL F 118 11.75 36.62 -6.78
CA VAL F 118 11.88 35.40 -5.99
C VAL F 118 12.41 35.82 -4.60
N THR F 119 12.01 35.03 -3.60
CA THR F 119 12.23 35.33 -2.19
C THR F 119 12.75 34.07 -1.49
N PRO F 120 13.67 34.20 -0.52
CA PRO F 120 14.09 33.00 0.20
C PRO F 120 12.89 32.28 0.77
N GLU F 121 12.96 30.97 0.70
CA GLU F 121 11.87 30.09 1.06
C GLU F 121 11.23 30.41 2.42
N ASN F 122 12.03 30.63 3.44
CA ASN F 122 11.44 30.81 4.75
C ASN F 122 10.93 32.25 4.99
N GLU F 123 10.99 33.13 3.99
CA GLU F 123 10.41 34.45 4.11
C GLU F 123 9.28 34.71 3.11
N ALA F 124 9.05 33.74 2.23
CA ALA F 124 8.09 33.89 1.11
C ALA F 124 6.64 33.65 1.56
N ASN F 125 5.94 34.75 1.86
CA ASN F 125 4.58 34.70 2.40
C ASN F 125 3.43 34.96 1.45
N GLN F 126 3.74 35.19 0.18
CA GLN F 126 2.69 35.39 -0.82
C GLN F 126 3.13 34.63 -2.05
N ALA F 127 3.36 33.34 -1.82
CA ALA F 127 4.11 32.51 -2.76
C ALA F 127 3.32 31.30 -3.27
N ARG F 128 2.01 31.36 -3.16
CA ARG F 128 1.16 30.29 -3.69
C ARG F 128 0.73 30.65 -5.12
N TRP F 129 0.79 29.65 -6.01
CA TRP F 129 0.49 29.81 -7.43
C TRP F 129 -0.28 28.57 -7.97
N LYS F 130 -1.01 28.80 -9.05
CA LYS F 130 -1.72 27.75 -9.75
C LYS F 130 -1.43 27.82 -11.24
N PRO F 131 -0.79 26.78 -11.82
CA PRO F 131 -0.63 26.77 -13.29
C PRO F 131 -1.97 26.48 -13.89
N THR F 132 -2.55 27.48 -14.54
CA THR F 132 -3.94 27.40 -14.94
C THR F 132 -4.10 27.18 -16.45
N LEU F 133 -4.72 26.07 -16.77
CA LEU F 133 -4.83 25.60 -18.16
C LEU F 133 -5.72 26.51 -18.97
N GLN F 134 -5.24 27.00 -20.12
CA GLN F 134 -6.03 27.89 -20.95
C GLN F 134 -6.85 27.15 -21.99
N GLN F 135 -6.36 26.01 -22.45
CA GLN F 135 -6.94 25.34 -23.62
C GLN F 135 -8.09 24.42 -23.24
N MET G 4 -20.38 19.06 -18.05
CA MET G 4 -20.33 19.54 -16.66
C MET G 4 -21.53 18.99 -15.88
N ALA G 5 -21.28 18.53 -14.65
CA ALA G 5 -22.33 17.90 -13.85
C ALA G 5 -23.16 18.94 -13.15
N HIS G 6 -24.44 18.99 -13.45
CA HIS G 6 -25.30 19.96 -12.81
C HIS G 6 -25.78 19.44 -11.47
N VAL G 7 -25.67 20.28 -10.45
CA VAL G 7 -26.01 19.87 -9.09
C VAL G 7 -26.87 20.90 -8.39
N THR G 8 -27.61 20.46 -7.39
CA THR G 8 -28.10 21.39 -6.39
C THR G 8 -27.07 21.39 -5.28
N LEU G 9 -26.92 22.51 -4.60
CA LEU G 9 -26.00 22.58 -3.45
C LEU G 9 -26.87 22.54 -2.20
N GLN G 10 -27.06 21.34 -1.66
CA GLN G 10 -28.00 21.20 -0.55
C GLN G 10 -27.24 21.14 0.78
N SER G 11 -27.76 21.86 1.76
CA SER G 11 -27.18 21.87 3.09
C SER G 11 -27.41 20.55 3.83
N LEU G 12 -26.40 20.13 4.60
CA LEU G 12 -26.55 19.05 5.56
C LEU G 12 -26.62 19.56 7.01
N SER G 13 -26.71 20.88 7.16
CA SER G 13 -26.78 21.51 8.48
C SER G 13 -28.17 22.11 8.72
N ASN G 14 -29.09 21.85 7.81
CA ASN G 14 -30.46 22.38 7.86
C ASN G 14 -31.36 21.39 7.11
N ASN G 15 -32.49 21.03 7.69
CA ASN G 15 -33.27 19.94 7.14
C ASN G 15 -33.84 20.14 5.73
N ASP G 16 -33.88 21.39 5.24
CA ASP G 16 -34.30 21.65 3.86
C ASP G 16 -33.85 23.04 3.44
N LEU G 17 -32.63 23.12 2.94
CA LEU G 17 -32.10 24.38 2.44
C LEU G 17 -31.12 24.07 1.32
N CYS G 18 -31.35 24.74 0.18
CA CYS G 18 -30.48 24.68 -1.01
C CYS G 18 -29.95 26.09 -1.37
N LEU G 19 -28.74 26.18 -1.89
CA LEU G 19 -28.19 27.48 -2.28
C LEU G 19 -29.00 28.01 -3.45
N ASP G 20 -29.46 29.25 -3.34
CA ASP G 20 -30.54 29.76 -4.22
C ASP G 20 -30.27 31.18 -4.75
N VAL G 21 -30.41 31.37 -6.07
CA VAL G 21 -30.29 32.73 -6.62
C VAL G 21 -31.63 33.45 -6.44
N TYR G 22 -31.64 34.38 -5.49
CA TYR G 22 -32.79 35.24 -5.23
C TYR G 22 -32.96 36.27 -6.33
N GLY G 23 -31.83 36.78 -6.83
CA GLY G 23 -31.87 37.80 -7.87
C GLY G 23 -31.94 39.23 -7.35
N GLU G 24 -32.52 40.11 -8.16
CA GLU G 24 -32.70 41.52 -7.82
C GLU G 24 -34.05 41.95 -8.38
N ASN G 25 -34.98 42.32 -7.51
CA ASN G 25 -36.31 42.79 -7.92
C ASN G 25 -37.14 41.72 -8.66
N GLY G 26 -36.95 40.45 -8.31
CA GLY G 26 -37.71 39.37 -8.92
C GLY G 26 -37.04 38.77 -10.17
N ASP G 27 -36.00 39.45 -10.66
CA ASP G 27 -35.28 38.97 -11.82
C ASP G 27 -34.07 38.14 -11.39
N LYS G 28 -34.15 36.83 -11.62
CA LYS G 28 -33.07 35.90 -11.26
C LYS G 28 -31.84 36.00 -12.16
N THR G 29 -31.97 36.65 -13.32
CA THR G 29 -30.90 36.64 -14.33
C THR G 29 -29.86 37.74 -14.18
N VAL G 30 -30.12 38.71 -13.30
CA VAL G 30 -29.32 39.94 -13.29
C VAL G 30 -27.95 39.76 -12.66
N ALA G 31 -26.93 40.30 -13.30
CA ALA G 31 -25.61 40.33 -12.68
C ALA G 31 -25.73 41.12 -11.38
N GLY G 32 -25.06 40.66 -10.32
CA GLY G 32 -25.15 41.30 -9.03
C GLY G 32 -26.31 40.82 -8.16
N GLY G 33 -27.14 39.94 -8.71
CA GLY G 33 -28.24 39.37 -7.94
C GLY G 33 -27.78 38.58 -6.71
N SER G 34 -28.56 38.73 -5.67
CA SER G 34 -28.32 38.07 -4.39
C SER G 34 -28.49 36.55 -4.39
N VAL G 35 -27.61 35.89 -3.66
CA VAL G 35 -27.67 34.46 -3.44
C VAL G 35 -27.83 34.16 -1.95
N ASN G 36 -28.81 33.34 -1.63
CA ASN G 36 -29.09 32.94 -0.26
C ASN G 36 -29.73 31.54 -0.26
N GLY G 37 -30.32 31.15 0.86
CA GLY G 37 -30.93 29.85 0.97
C GLY G 37 -32.43 29.80 0.76
N TRP G 38 -32.91 28.63 0.36
CA TRP G 38 -34.32 28.42 0.17
C TRP G 38 -34.63 26.91 0.21
N SER G 39 -35.87 26.53 0.47
CA SER G 39 -36.23 25.12 0.47
C SER G 39 -35.98 24.58 -0.93
N CYS G 40 -35.66 23.30 -1.04
CA CYS G 40 -35.19 22.71 -2.28
C CYS G 40 -36.32 22.43 -3.28
N HIS G 41 -36.19 22.90 -4.52
CA HIS G 41 -37.18 22.58 -5.54
C HIS G 41 -36.50 22.27 -6.87
N GLY G 42 -35.23 22.61 -6.99
CA GLY G 42 -34.42 22.20 -8.12
C GLY G 42 -34.71 22.92 -9.42
N SER G 43 -35.39 24.05 -9.31
CA SER G 43 -35.52 24.89 -10.48
C SER G 43 -34.16 25.54 -10.80
N TRP G 44 -34.09 26.20 -11.96
CA TRP G 44 -32.82 26.65 -12.51
C TRP G 44 -32.04 27.57 -11.57
N ASN G 45 -32.71 28.36 -10.74
CA ASN G 45 -32.01 29.24 -9.80
C ASN G 45 -31.43 28.49 -8.60
N GLN G 46 -31.54 27.18 -8.62
CA GLN G 46 -30.92 26.36 -7.56
C GLN G 46 -29.96 25.33 -8.13
N VAL G 47 -29.77 25.37 -9.44
CA VAL G 47 -28.87 24.44 -10.10
C VAL G 47 -27.57 25.12 -10.48
N TRP G 48 -26.48 24.39 -10.24
CA TRP G 48 -25.12 24.90 -10.32
C TRP G 48 -24.22 23.91 -11.06
N GLY G 49 -23.10 24.39 -11.59
CA GLY G 49 -22.16 23.52 -12.27
C GLY G 49 -20.76 24.05 -12.01
N LEU G 50 -19.87 23.17 -11.54
CA LEU G 50 -18.50 23.59 -11.21
C LEU G 50 -17.63 23.51 -12.47
N ASP G 51 -17.10 24.65 -12.94
CA ASP G 51 -16.35 24.61 -14.22
C ASP G 51 -14.86 24.40 -13.96
N LYS G 52 -14.05 24.36 -15.03
CA LYS G 52 -12.61 24.03 -14.95
C LYS G 52 -11.81 25.12 -14.25
N GLU G 53 -12.38 26.31 -14.13
CA GLU G 53 -11.75 27.40 -13.42
C GLU G 53 -12.19 27.46 -11.95
N GLU G 54 -12.87 26.40 -11.51
CA GLU G 54 -13.35 26.25 -10.13
C GLU G 54 -14.48 27.24 -9.78
N ARG G 55 -15.18 27.72 -10.79
CA ARG G 55 -16.33 28.60 -10.57
C ARG G 55 -17.63 27.80 -10.55
N TYR G 56 -18.53 28.18 -9.65
CA TYR G 56 -19.87 27.59 -9.65
C TYR G 56 -20.81 28.46 -10.48
N ARG G 57 -21.10 27.98 -11.69
CA ARG G 57 -21.96 28.68 -12.62
C ARG G 57 -23.40 28.35 -12.30
N SER G 58 -24.24 29.37 -12.31
CA SER G 58 -25.66 29.21 -12.12
C SER G 58 -26.34 28.94 -13.45
N ARG G 59 -27.38 28.11 -13.43
CA ARG G 59 -28.19 27.91 -14.60
C ARG G 59 -29.26 29.02 -14.83
N VAL G 60 -29.29 30.10 -14.02
CA VAL G 60 -30.32 31.13 -14.28
C VAL G 60 -30.14 31.80 -15.64
N ALA G 61 -28.90 31.92 -16.09
CA ALA G 61 -28.56 32.60 -17.34
C ALA G 61 -27.09 32.38 -17.60
N SER G 62 -26.65 32.58 -18.85
CA SER G 62 -25.24 32.51 -19.18
C SER G 62 -24.40 33.47 -18.35
N ASP G 63 -23.18 33.07 -18.02
CA ASP G 63 -22.19 33.98 -17.47
C ASP G 63 -22.57 34.52 -16.09
N ARG G 64 -23.02 33.63 -15.21
CA ARG G 64 -23.38 33.99 -13.84
C ARG G 64 -22.73 33.02 -12.85
N CYS G 65 -21.70 33.47 -12.14
CA CYS G 65 -20.93 32.68 -11.20
C CYS G 65 -21.12 33.17 -9.78
N LEU G 66 -21.14 32.22 -8.87
CA LEU G 66 -21.18 32.45 -7.43
C LEU G 66 -19.96 33.23 -6.97
N THR G 67 -20.20 34.36 -6.33
CA THR G 67 -19.15 35.33 -6.03
C THR G 67 -19.22 35.77 -4.57
N VAL G 68 -18.09 35.70 -3.88
CA VAL G 68 -17.92 36.29 -2.55
C VAL G 68 -17.64 37.78 -2.68
N ASN G 69 -18.41 38.58 -1.96
CA ASN G 69 -18.28 40.04 -1.89
C ASN G 69 -17.48 40.41 -0.64
N ALA G 70 -16.91 41.61 -0.63
CA ALA G 70 -16.05 42.06 0.48
C ALA G 70 -16.76 41.96 1.81
N ASP G 71 -18.07 42.22 1.82
CA ASP G 71 -18.83 42.09 3.05
C ASP G 71 -19.21 40.63 3.37
N LYS G 72 -18.74 39.66 2.58
CA LYS G 72 -18.93 38.21 2.81
C LYS G 72 -20.29 37.67 2.39
N THR G 73 -21.14 38.53 1.83
CA THR G 73 -22.36 38.11 1.18
C THR G 73 -22.05 37.50 -0.18
N LEU G 74 -23.04 36.83 -0.72
CA LEU G 74 -22.90 36.14 -2.00
C LEU G 74 -23.78 36.72 -3.09
N THR G 75 -23.23 36.78 -4.28
CA THR G 75 -23.98 37.20 -5.44
C THR G 75 -23.66 36.28 -6.64
N VAL G 76 -24.40 36.44 -7.75
CA VAL G 76 -23.92 35.94 -9.04
C VAL G 76 -23.44 37.15 -9.87
N GLU G 77 -22.30 36.97 -10.53
CA GLU G 77 -21.62 38.01 -11.30
C GLU G 77 -21.08 37.37 -12.56
N GLN G 78 -20.75 38.22 -13.51
CA GLN G 78 -20.04 37.85 -14.70
C GLN G 78 -18.77 37.05 -14.32
N CYS G 79 -18.47 36.05 -15.12
CA CYS G 79 -17.44 35.08 -14.76
C CYS G 79 -16.10 35.65 -15.16
N GLY G 80 -15.18 35.65 -14.23
CA GLY G 80 -13.83 36.09 -14.50
C GLY G 80 -12.82 35.29 -13.69
N ALA G 81 -11.66 35.91 -13.48
CA ALA G 81 -10.50 35.19 -12.97
C ALA G 81 -10.35 35.35 -11.48
N ASN G 82 -11.15 36.23 -10.85
CA ASN G 82 -10.94 36.55 -9.44
C ASN G 82 -11.07 35.34 -8.51
N LEU G 83 -10.20 35.26 -7.51
CA LEU G 83 -10.32 34.16 -6.54
C LEU G 83 -11.67 34.21 -5.77
N ALA G 84 -12.32 35.37 -5.70
CA ALA G 84 -13.63 35.46 -5.06
C ALA G 84 -14.70 34.59 -5.76
N GLN G 85 -14.40 34.12 -6.99
CA GLN G 85 -15.28 33.22 -7.73
C GLN G 85 -14.84 31.77 -7.75
N LYS G 86 -13.78 31.43 -7.02
CA LYS G 86 -13.27 30.06 -7.00
C LYS G 86 -13.57 29.34 -5.70
N TRP G 87 -13.93 28.05 -5.87
CA TRP G 87 -14.46 27.19 -4.83
C TRP G 87 -13.85 25.81 -4.93
N TYR G 88 -13.59 25.21 -3.77
CA TYR G 88 -13.18 23.80 -3.75
C TYR G 88 -13.74 23.07 -2.54
N TRP G 89 -13.83 21.75 -2.67
CA TRP G 89 -14.45 20.90 -1.65
C TRP G 89 -13.40 20.30 -0.75
N GLU G 90 -13.63 20.28 0.55
CA GLU G 90 -12.93 19.34 1.43
C GLU G 90 -13.99 18.58 2.24
N GLY G 91 -14.22 17.31 1.94
CA GLY G 91 -15.30 16.59 2.60
C GLY G 91 -16.60 17.33 2.27
N ASP G 92 -17.42 17.61 3.27
CA ASP G 92 -18.71 18.28 2.99
C ASP G 92 -18.58 19.79 3.16
N LYS G 93 -17.32 20.27 3.22
CA LYS G 93 -17.10 21.72 3.29
C LYS G 93 -16.76 22.32 1.93
N LEU G 94 -17.37 23.45 1.65
CA LEU G 94 -17.17 24.16 0.41
C LEU G 94 -16.47 25.48 0.72
N ILE G 95 -15.23 25.56 0.26
CA ILE G 95 -14.30 26.60 0.67
C ILE G 95 -14.02 27.57 -0.48
N SER G 96 -14.05 28.88 -0.18
CA SER G 96 -13.65 29.93 -1.11
C SER G 96 -12.13 30.07 -1.20
N ARG G 97 -11.62 30.46 -2.38
CA ARG G 97 -10.20 30.82 -2.51
C ARG G 97 -9.94 32.29 -2.15
N TYR G 98 -11.00 33.00 -1.75
CA TYR G 98 -10.90 34.41 -1.43
C TYR G 98 -9.84 34.70 -0.38
N VAL G 99 -8.99 35.70 -0.62
CA VAL G 99 -7.99 36.06 0.36
C VAL G 99 -8.14 37.49 0.79
N ASP G 100 -7.80 37.70 2.05
CA ASP G 100 -7.65 39.05 2.58
C ASP G 100 -6.52 39.04 3.61
N GLY G 101 -6.26 40.16 4.24
CA GLY G 101 -5.13 40.24 5.15
C GLY G 101 -5.32 39.47 6.44
N ASN G 102 -6.45 38.80 6.60
CA ASN G 102 -6.73 38.10 7.86
C ASN G 102 -6.19 36.69 7.86
N ASN G 103 -5.67 36.24 6.73
CA ASN G 103 -5.04 34.92 6.70
C ASN G 103 -5.94 33.86 7.35
N THR G 104 -7.17 33.73 6.84
CA THR G 104 -8.09 32.66 7.24
C THR G 104 -8.76 32.16 5.97
N ARG G 105 -9.26 30.92 6.00
CA ARG G 105 -10.08 30.45 4.89
C ARG G 105 -11.53 30.78 5.23
N TYR G 106 -12.32 31.02 4.21
CA TYR G 106 -13.76 31.33 4.33
C TYR G 106 -14.55 30.15 3.75
N LEU G 107 -15.56 29.71 4.50
CA LEU G 107 -16.40 28.56 4.20
C LEU G 107 -17.82 28.99 3.92
N LEU G 108 -18.45 28.42 2.90
CA LEU G 108 -19.89 28.62 2.70
C LEU G 108 -20.63 28.13 3.92
N ASN G 109 -21.46 29.00 4.50
CA ASN G 109 -22.03 28.82 5.84
C ASN G 109 -23.40 29.46 5.97
N ILE G 110 -24.33 28.76 6.59
CA ILE G 110 -25.61 29.36 6.97
C ILE G 110 -25.43 30.22 8.21
N VAL G 111 -25.81 31.50 8.16
CA VAL G 111 -25.48 32.39 9.28
C VAL G 111 -26.71 32.78 10.08
N GLY G 112 -27.88 32.34 9.62
CA GLY G 112 -29.13 32.52 10.33
C GLY G 112 -30.31 32.46 9.39
N GLY G 113 -31.31 31.67 9.76
CA GLY G 113 -32.50 31.51 8.96
C GLY G 113 -32.10 30.98 7.59
N ARG G 114 -32.51 31.68 6.54
CA ARG G 114 -32.10 31.33 5.18
C ARG G 114 -30.96 32.20 4.64
N ASN G 115 -30.30 32.96 5.52
CA ASN G 115 -29.13 33.74 5.11
C ASN G 115 -27.88 32.88 4.97
N VAL G 116 -27.26 32.92 3.79
CA VAL G 116 -26.06 32.16 3.54
C VAL G 116 -24.97 33.12 3.15
N GLN G 117 -23.82 32.98 3.79
CA GLN G 117 -22.65 33.82 3.51
C GLN G 117 -21.38 32.97 3.50
N VAL G 118 -20.21 33.59 3.45
CA VAL G 118 -19.00 32.86 3.85
C VAL G 118 -18.53 33.34 5.22
N THR G 119 -17.94 32.42 5.98
CA THR G 119 -17.62 32.60 7.39
C THR G 119 -16.20 32.05 7.64
N PRO G 120 -15.39 32.71 8.48
CA PRO G 120 -14.09 32.13 8.84
C PRO G 120 -14.24 30.66 9.29
N GLU G 121 -13.31 29.84 8.83
CA GLU G 121 -13.34 28.38 9.02
C GLU G 121 -13.63 27.94 10.45
N ASN G 122 -12.90 28.52 11.39
CA ASN G 122 -13.09 28.20 12.80
C ASN G 122 -14.52 28.45 13.31
N GLU G 123 -15.26 29.36 12.68
CA GLU G 123 -16.58 29.79 13.17
C GLU G 123 -17.70 29.28 12.29
N ALA G 124 -17.35 28.50 11.27
CA ALA G 124 -18.34 28.02 10.31
C ALA G 124 -19.01 26.73 10.86
N ASN G 125 -20.12 26.90 11.57
CA ASN G 125 -20.78 25.80 12.30
C ASN G 125 -22.04 25.27 11.62
N GLN G 126 -22.40 25.87 10.49
CA GLN G 126 -23.51 25.38 9.69
C GLN G 126 -23.07 25.32 8.25
N ALA G 127 -21.94 24.65 8.06
CA ALA G 127 -21.21 24.75 6.82
C ALA G 127 -21.08 23.43 6.11
N ARG G 128 -21.99 22.51 6.35
CA ARG G 128 -21.96 21.22 5.65
C ARG G 128 -22.90 21.25 4.44
N TRP G 129 -22.36 20.81 3.29
CA TRP G 129 -23.08 20.81 2.00
C TRP G 129 -22.89 19.51 1.25
N LYS G 130 -23.88 19.20 0.41
CA LYS G 130 -23.83 18.02 -0.44
C LYS G 130 -24.14 18.49 -1.88
N PRO G 131 -23.17 18.35 -2.79
CA PRO G 131 -23.43 18.64 -4.20
C PRO G 131 -24.25 17.47 -4.76
N THR G 132 -25.51 17.73 -5.08
CA THR G 132 -26.45 16.66 -5.40
C THR G 132 -26.82 16.64 -6.88
N LEU G 133 -26.47 15.56 -7.56
CA LEU G 133 -26.67 15.44 -9.00
C LEU G 133 -28.14 15.62 -9.40
N GLN G 134 -28.39 16.50 -10.36
CA GLN G 134 -29.75 16.73 -10.87
C GLN G 134 -30.06 15.70 -11.96
#